data_7TC9
#
_entry.id   7TC9
#
_cell.length_a   1.00
_cell.length_b   1.00
_cell.length_c   1.00
_cell.angle_alpha   90.00
_cell.angle_beta   90.00
_cell.angle_gamma   90.00
#
_symmetry.space_group_name_H-M   'P 1'
#
loop_
_entity.id
_entity.type
_entity.pdbx_description
1 polymer 'Spike protein S1'
2 polymer 'Heavy chain of antibody A19-46.1'
3 polymer 'Light chain of antibody A19-46.1'
4 non-polymer 2-acetamido-2-deoxy-beta-D-glucopyranose
#
loop_
_entity_poly.entity_id
_entity_poly.type
_entity_poly.pdbx_seq_one_letter_code
_entity_poly.pdbx_strand_id
1 'polypeptide(L)'
;ITNLCPFDEVFNATRFASVYAWNRKRISNCVADYSVLYNLAPFFTFKCYGVSPTKLNDLCFTNVYADSFVIRGDEVRQIA
PGQTGNIADYNYKLPDDFTGCVIAWNSNKLDSKVSGNYNYLYRLFRKSNLKPFERDISTEIYQAGNKPCNGVAGFNCYFP
LRSYSFRPTYGVGHQPYRVVVLSFELLHAPATVCG
;
B
2 'polypeptide(L)'
;QVQLVESGGGVVQPGRSLRLSCAASGFTLSSYGMHWVRQAPGKGLEWVAVISYDGSNKYYVDSVKGRFTISRDNSKNTLY
LQMNSLRAEDTAVYYCARGWAYWELLPDYYYGMDVWGQGTTVTVSSASTKGPSVFPLAPSSKSTSGGTAALGCLVKDYFP
EPVTVSWNSGALTSGVHTFPAVLQSSGLYSLSSVVTVPSSSLGTQTYICNVNHKPSNTKVDKKVEPKSCDK
;
H
3 'polypeptide(L)'
;QTVVTQEPSFSVSPGGTVTLTCGLSSGSVSTAYFPSWYQQTPGQAPRTLIYGTNTRSSGVPDRFSGSILGNKAALTITGA
QADDESDYYCVLYMGRGIVVFGGGTKLTVLGQPKAAPSVTLFPPSSEELQANKATLVCLISDFYPGAVTVAWKADSSPVK
AGVETTTPSKQSNNKYAASSYLSLTPEQWKSHRSYSCQVTHEGSTVEKTVAPTECS
;
L
#
loop_
_chem_comp.id
_chem_comp.type
_chem_comp.name
_chem_comp.formula
NAG D-saccharide, beta linking 2-acetamido-2-deoxy-beta-D-glucopyranose 'C8 H15 N O6'
#
# COMPACT_ATOMS: atom_id res chain seq x y z
N ILE A 1 -31.78 -44.78 8.52
CA ILE A 1 -31.01 -43.73 7.87
C ILE A 1 -29.62 -44.23 7.48
N THR A 2 -29.39 -44.37 6.18
CA THR A 2 -28.07 -44.71 5.67
C THR A 2 -27.54 -43.59 4.78
N ASN A 3 -27.79 -42.33 5.15
CA ASN A 3 -27.32 -41.20 4.37
C ASN A 3 -25.81 -41.03 4.51
N LEU A 4 -25.21 -40.39 3.51
CA LEU A 4 -23.77 -40.17 3.51
C LEU A 4 -23.37 -39.17 4.58
N CYS A 5 -22.32 -39.49 5.34
CA CYS A 5 -21.71 -38.52 6.22
C CYS A 5 -20.82 -37.58 5.41
N PRO A 6 -20.76 -36.29 5.78
CA PRO A 6 -19.93 -35.35 5.00
C PRO A 6 -18.44 -35.56 5.19
N PHE A 7 -17.92 -36.66 4.67
CA PHE A 7 -16.49 -36.94 4.71
C PHE A 7 -15.77 -36.51 3.43
N ASP A 8 -16.48 -35.98 2.44
CA ASP A 8 -15.86 -35.60 1.18
C ASP A 8 -14.85 -34.46 1.39
N GLU A 9 -15.27 -33.41 2.10
CA GLU A 9 -14.39 -32.27 2.33
C GLU A 9 -13.23 -32.63 3.25
N VAL A 10 -13.37 -33.70 4.04
CA VAL A 10 -12.28 -34.13 4.90
C VAL A 10 -11.13 -34.70 4.08
N PHE A 11 -11.44 -35.54 3.10
CA PHE A 11 -10.41 -36.25 2.35
C PHE A 11 -9.87 -35.44 1.18
N ASN A 12 -10.72 -35.12 0.20
CA ASN A 12 -10.24 -34.36 -0.94
C ASN A 12 -9.78 -32.98 -0.49
N ALA A 13 -10.40 -32.44 0.56
CA ALA A 13 -9.77 -31.41 1.38
C ALA A 13 -9.20 -30.25 0.58
N THR A 14 -10.08 -29.39 0.05
CA THR A 14 -9.72 -28.34 -0.90
C THR A 14 -8.37 -27.68 -0.58
N ARG A 15 -8.23 -27.12 0.62
CA ARG A 15 -6.95 -26.58 1.04
C ARG A 15 -6.76 -26.86 2.54
N PHE A 16 -5.56 -26.54 3.02
CA PHE A 16 -5.14 -26.91 4.36
C PHE A 16 -4.66 -25.71 5.16
N ALA A 17 -4.06 -25.96 6.32
CA ALA A 17 -3.53 -24.91 7.18
C ALA A 17 -2.16 -25.35 7.68
N SER A 18 -1.63 -24.62 8.66
CA SER A 18 -0.32 -24.90 9.23
C SER A 18 -0.46 -25.77 10.47
N VAL A 19 0.67 -25.96 11.17
CA VAL A 19 0.70 -26.89 12.29
C VAL A 19 0.04 -26.28 13.52
N TYR A 20 0.40 -25.04 13.87
CA TYR A 20 -0.16 -24.44 15.08
C TYR A 20 -1.64 -24.15 14.91
N ALA A 21 -2.07 -23.75 13.71
CA ALA A 21 -3.49 -23.59 13.41
C ALA A 21 -3.96 -24.91 12.83
N TRP A 22 -4.14 -25.88 13.72
CA TRP A 22 -4.42 -27.26 13.34
C TRP A 22 -5.90 -27.51 13.04
N ASN A 23 -6.66 -26.45 12.76
CA ASN A 23 -7.92 -26.52 12.01
C ASN A 23 -8.97 -27.38 12.71
N ARG A 24 -9.38 -26.94 13.90
CA ARG A 24 -10.40 -27.67 14.65
C ARG A 24 -11.75 -27.57 13.95
N LYS A 25 -12.44 -28.71 13.88
CA LYS A 25 -13.77 -28.80 13.28
C LYS A 25 -14.71 -29.57 14.20
N ARG A 26 -16.00 -29.49 13.90
CA ARG A 26 -17.04 -30.23 14.62
C ARG A 26 -18.10 -30.69 13.63
N ILE A 27 -18.31 -31.99 13.55
CA ILE A 27 -19.44 -32.55 12.81
C ILE A 27 -20.02 -33.70 13.63
N SER A 28 -21.33 -33.89 13.53
CA SER A 28 -22.01 -34.95 14.28
C SER A 28 -23.33 -35.27 13.60
N ASN A 29 -23.94 -36.37 14.04
CA ASN A 29 -25.26 -36.80 13.60
C ASN A 29 -25.28 -37.05 12.08
N CYS A 30 -24.51 -38.07 11.69
CA CYS A 30 -24.48 -38.54 10.32
C CYS A 30 -24.48 -40.07 10.33
N VAL A 31 -24.15 -40.69 9.21
CA VAL A 31 -24.01 -42.14 9.14
C VAL A 31 -22.58 -42.46 8.74
N ALA A 32 -21.86 -43.17 9.61
CA ALA A 32 -20.43 -43.40 9.43
C ALA A 32 -20.19 -44.76 8.80
N ASP A 33 -19.36 -44.78 7.76
CA ASP A 33 -18.93 -46.03 7.14
C ASP A 33 -17.61 -45.74 6.42
N TYR A 34 -16.54 -46.42 6.83
CA TYR A 34 -15.20 -46.12 6.36
C TYR A 34 -14.77 -46.97 5.18
N SER A 35 -15.70 -47.70 4.56
CA SER A 35 -15.37 -48.38 3.32
C SER A 35 -14.83 -47.41 2.28
N VAL A 36 -15.30 -46.16 2.33
CA VAL A 36 -14.73 -45.12 1.49
C VAL A 36 -13.29 -44.82 1.89
N LEU A 37 -12.97 -44.92 3.18
CA LEU A 37 -11.61 -44.67 3.65
C LEU A 37 -10.65 -45.81 3.37
N TYR A 38 -11.09 -46.88 2.70
CA TYR A 38 -10.24 -48.02 2.44
C TYR A 38 -9.14 -47.63 1.46
N ASN A 39 -8.15 -48.50 1.31
CA ASN A 39 -7.00 -48.22 0.45
C ASN A 39 -7.45 -47.94 -0.97
N LEU A 40 -7.03 -46.79 -1.50
CA LEU A 40 -7.28 -46.40 -2.88
C LEU A 40 -6.05 -45.89 -3.61
N ALA A 41 -5.07 -45.33 -2.91
CA ALA A 41 -3.84 -44.79 -3.46
C ALA A 41 -2.68 -45.38 -2.69
N PRO A 42 -1.46 -45.32 -3.23
CA PRO A 42 -0.30 -45.79 -2.46
C PRO A 42 -0.19 -45.05 -1.15
N PHE A 43 -0.40 -45.75 -0.04
CA PHE A 43 -0.40 -45.16 1.28
C PHE A 43 0.86 -45.57 2.02
N PHE A 44 1.47 -44.60 2.72
CA PHE A 44 2.74 -44.83 3.37
C PHE A 44 2.64 -45.14 4.86
N THR A 45 1.51 -44.84 5.50
CA THR A 45 1.36 -45.12 6.93
C THR A 45 -0.11 -45.21 7.29
N PHE A 46 -0.55 -46.39 7.73
CA PHE A 46 -1.87 -46.59 8.33
C PHE A 46 -1.60 -47.46 9.55
N LYS A 47 -1.02 -46.85 10.58
CA LYS A 47 -0.71 -47.55 11.83
C LYS A 47 -1.30 -46.74 12.97
N CYS A 48 -2.53 -47.08 13.35
CA CYS A 48 -3.34 -46.25 14.21
C CYS A 48 -3.76 -47.02 15.46
N TYR A 49 -4.00 -46.29 16.53
CA TYR A 49 -3.63 -46.69 17.88
C TYR A 49 -4.83 -47.20 18.67
N GLY A 50 -4.71 -48.41 19.21
CA GLY A 50 -5.61 -48.89 20.25
C GLY A 50 -6.93 -49.43 19.75
N VAL A 51 -7.20 -49.34 18.46
CA VAL A 51 -8.49 -49.72 17.90
C VAL A 51 -8.25 -50.64 16.72
N SER A 52 -9.13 -51.63 16.57
CA SER A 52 -9.09 -52.47 15.38
C SER A 52 -9.78 -51.75 14.23
N PRO A 53 -9.09 -51.50 13.12
CA PRO A 53 -9.75 -50.85 11.97
C PRO A 53 -10.98 -51.58 11.50
N THR A 54 -10.99 -52.91 11.66
CA THR A 54 -12.14 -53.70 11.23
C THR A 54 -13.39 -53.33 12.01
N LYS A 55 -13.26 -53.18 13.34
CA LYS A 55 -14.42 -52.91 14.19
C LYS A 55 -14.59 -51.42 14.47
N LEU A 56 -14.16 -50.56 13.55
CA LEU A 56 -14.45 -49.14 13.68
C LEU A 56 -15.94 -48.87 13.54
N ASN A 57 -16.60 -49.55 12.60
CA ASN A 57 -17.96 -49.18 12.23
C ASN A 57 -19.02 -49.87 13.09
N ASP A 58 -18.78 -51.13 13.49
CA ASP A 58 -19.81 -51.84 14.26
C ASP A 58 -20.02 -51.19 15.62
N LEU A 59 -18.93 -50.89 16.33
CA LEU A 59 -19.01 -50.18 17.59
C LEU A 59 -18.82 -48.69 17.34
N CYS A 60 -19.83 -47.88 17.66
CA CYS A 60 -19.79 -46.45 17.37
C CYS A 60 -19.84 -45.64 18.65
N PHE A 61 -19.38 -44.39 18.54
CA PHE A 61 -19.13 -43.49 19.65
C PHE A 61 -19.90 -42.19 19.41
N THR A 62 -19.56 -41.18 20.21
CA THR A 62 -20.10 -39.83 20.05
C THR A 62 -18.95 -38.83 20.02
N ASN A 63 -19.25 -37.62 19.55
CA ASN A 63 -18.33 -36.48 19.61
C ASN A 63 -17.01 -36.82 18.92
N VAL A 64 -17.10 -37.05 17.61
CA VAL A 64 -15.94 -37.38 16.81
C VAL A 64 -15.22 -36.11 16.40
N TYR A 65 -13.89 -36.15 16.49
CA TYR A 65 -13.03 -35.03 16.12
C TYR A 65 -11.98 -35.51 15.13
N ALA A 66 -11.90 -34.84 13.99
CA ALA A 66 -11.00 -35.26 12.90
C ALA A 66 -10.34 -34.03 12.30
N ASP A 67 -9.02 -33.98 12.36
CA ASP A 67 -8.28 -32.81 11.89
C ASP A 67 -7.11 -33.24 11.04
N SER A 68 -6.51 -32.27 10.36
CA SER A 68 -5.42 -32.54 9.43
C SER A 68 -4.57 -31.29 9.27
N PHE A 69 -3.31 -31.52 8.89
CA PHE A 69 -2.37 -30.45 8.58
C PHE A 69 -1.17 -31.07 7.88
N VAL A 70 -0.14 -30.27 7.65
CA VAL A 70 1.03 -30.68 6.88
C VAL A 70 2.21 -30.87 7.82
N ILE A 71 3.07 -31.82 7.47
CA ILE A 71 4.24 -32.16 8.28
C ILE A 71 5.39 -32.58 7.37
N ARG A 72 6.61 -32.28 7.82
CA ARG A 72 7.80 -32.74 7.13
C ARG A 72 7.83 -34.27 7.11
N GLY A 73 8.27 -34.84 5.98
CA GLY A 73 8.18 -36.27 5.78
C GLY A 73 9.00 -37.10 6.75
N ASP A 74 10.08 -36.55 7.30
CA ASP A 74 10.95 -37.34 8.17
C ASP A 74 10.34 -37.59 9.54
N GLU A 75 9.53 -36.65 10.03
CA GLU A 75 9.03 -36.69 11.40
C GLU A 75 7.74 -37.49 11.53
N VAL A 76 7.13 -37.89 10.42
CA VAL A 76 5.81 -38.54 10.45
C VAL A 76 5.77 -39.69 11.43
N ARG A 77 6.92 -40.31 11.71
CA ARG A 77 6.99 -41.39 12.67
C ARG A 77 7.11 -40.91 14.11
N GLN A 78 7.26 -39.60 14.34
CA GLN A 78 7.52 -39.09 15.68
C GLN A 78 6.26 -38.76 16.46
N ILE A 79 5.10 -38.65 15.80
CA ILE A 79 3.85 -38.36 16.51
C ILE A 79 3.32 -39.68 17.10
N ALA A 80 3.60 -39.88 18.38
CA ALA A 80 3.15 -41.05 19.11
C ALA A 80 2.82 -40.64 20.54
N PRO A 81 1.94 -41.37 21.23
CA PRO A 81 1.70 -41.09 22.64
C PRO A 81 2.97 -41.31 23.44
N GLY A 82 3.25 -40.38 24.35
CA GLY A 82 4.46 -40.46 25.14
C GLY A 82 5.74 -40.46 24.33
N GLN A 83 5.76 -39.70 23.24
CA GLN A 83 6.90 -39.65 22.34
C GLN A 83 7.51 -38.25 22.35
N THR A 84 8.83 -38.18 22.35
CA THR A 84 9.53 -36.92 22.43
C THR A 84 9.52 -36.23 21.06
N GLY A 85 10.08 -35.03 21.02
CA GLY A 85 10.17 -34.25 19.80
C GLY A 85 9.82 -32.80 20.06
N ASN A 86 10.37 -31.92 19.21
CA ASN A 86 10.12 -30.50 19.38
C ASN A 86 8.67 -30.14 19.10
N ILE A 87 8.00 -30.89 18.22
CA ILE A 87 6.58 -30.68 17.98
C ILE A 87 5.76 -30.95 19.23
N ALA A 88 6.19 -31.93 20.03
CA ALA A 88 5.45 -32.26 21.24
C ALA A 88 5.42 -31.10 22.22
N ASP A 89 6.55 -30.38 22.36
CA ASP A 89 6.65 -29.32 23.34
C ASP A 89 6.31 -27.93 22.81
N TYR A 90 6.46 -27.69 21.50
CA TYR A 90 6.32 -26.36 20.94
C TYR A 90 5.21 -26.24 19.90
N ASN A 91 4.48 -27.32 19.62
CA ASN A 91 3.41 -27.28 18.63
C ASN A 91 2.28 -28.17 19.13
N TYR A 92 1.34 -28.46 18.23
CA TYR A 92 0.20 -29.31 18.58
C TYR A 92 0.70 -30.69 19.00
N LYS A 93 0.10 -31.23 20.06
CA LYS A 93 0.53 -32.49 20.64
C LYS A 93 -0.67 -33.37 20.95
N LEU A 94 -0.41 -34.54 21.51
CA LEU A 94 -1.41 -35.55 21.81
C LEU A 94 -1.06 -36.18 23.15
N PRO A 95 -2.05 -36.40 24.02
CA PRO A 95 -1.76 -36.99 25.33
C PRO A 95 -1.48 -38.49 25.21
N ASP A 96 -1.08 -39.08 26.35
CA ASP A 96 -0.68 -40.48 26.36
C ASP A 96 -1.85 -41.41 26.07
N ASP A 97 -2.96 -41.22 26.79
CA ASP A 97 -4.11 -42.11 26.67
C ASP A 97 -4.91 -41.68 25.44
N PHE A 98 -4.38 -42.06 24.28
CA PHE A 98 -4.96 -41.70 22.98
C PHE A 98 -5.74 -42.88 22.42
N THR A 99 -7.00 -42.65 22.08
CA THR A 99 -7.82 -43.63 21.37
C THR A 99 -8.40 -42.93 20.15
N GLY A 100 -7.94 -43.35 18.98
CA GLY A 100 -8.39 -42.81 17.72
C GLY A 100 -7.51 -43.37 16.64
N CYS A 101 -7.80 -42.97 15.40
CA CYS A 101 -7.06 -43.51 14.27
C CYS A 101 -6.31 -42.36 13.59
N VAL A 102 -5.49 -42.71 12.60
CA VAL A 102 -4.59 -41.76 11.96
C VAL A 102 -4.10 -42.35 10.63
N ILE A 103 -3.81 -41.46 9.69
CA ILE A 103 -3.37 -41.81 8.34
C ILE A 103 -2.30 -40.84 7.89
N ALA A 104 -1.37 -41.32 7.04
CA ALA A 104 -0.34 -40.48 6.46
C ALA A 104 -0.07 -40.89 5.02
N TRP A 105 0.21 -39.91 4.16
CA TRP A 105 0.55 -40.17 2.76
C TRP A 105 1.15 -38.91 2.15
N ASN A 106 2.10 -39.11 1.23
CA ASN A 106 2.79 -37.99 0.59
C ASN A 106 1.89 -37.25 -0.37
N SER A 107 2.14 -35.95 -0.52
CA SER A 107 1.43 -35.09 -1.49
C SER A 107 2.46 -34.26 -2.24
N ASN A 108 2.99 -34.83 -3.33
CA ASN A 108 4.00 -34.14 -4.13
C ASN A 108 3.45 -33.55 -5.42
N LYS A 109 2.24 -33.96 -5.83
CA LYS A 109 1.72 -33.52 -7.12
C LYS A 109 1.26 -32.06 -7.08
N LEU A 110 0.58 -31.66 -6.02
CA LEU A 110 0.00 -30.32 -5.93
C LEU A 110 0.73 -29.40 -4.97
N ASP A 111 1.51 -29.95 -4.05
CA ASP A 111 2.17 -29.16 -3.01
C ASP A 111 3.60 -28.78 -3.39
N SER A 112 4.00 -29.01 -4.63
CA SER A 112 5.35 -28.71 -5.08
C SER A 112 5.35 -27.49 -6.00
N LYS A 113 6.48 -26.79 -6.02
CA LYS A 113 6.61 -25.58 -6.82
C LYS A 113 8.06 -25.44 -7.27
N VAL A 114 8.25 -24.63 -8.32
CA VAL A 114 9.59 -24.41 -8.87
C VAL A 114 10.54 -23.85 -7.82
N SER A 115 10.01 -23.26 -6.76
CA SER A 115 10.82 -22.81 -5.64
C SER A 115 10.40 -23.40 -4.31
N GLY A 116 9.14 -23.78 -4.16
CA GLY A 116 8.65 -24.32 -2.91
C GLY A 116 7.51 -23.51 -2.32
N ASN A 117 6.44 -24.18 -1.91
CA ASN A 117 5.26 -23.50 -1.40
C ASN A 117 5.55 -23.06 0.03
N TYR A 118 6.05 -21.83 0.18
CA TYR A 118 6.48 -21.32 1.46
C TYR A 118 5.34 -20.84 2.34
N ASN A 119 4.10 -21.17 2.01
CA ASN A 119 2.98 -20.74 2.85
C ASN A 119 3.06 -21.35 4.24
N TYR A 120 3.41 -22.63 4.32
CA TYR A 120 3.31 -23.37 5.57
C TYR A 120 4.47 -23.03 6.50
N LEU A 121 4.15 -22.70 7.74
CA LEU A 121 5.13 -22.35 8.75
C LEU A 121 4.92 -23.17 10.02
N TYR A 122 5.85 -23.01 10.96
CA TYR A 122 5.80 -23.74 12.21
C TYR A 122 6.46 -22.91 13.31
N ARG A 123 6.13 -23.25 14.55
CA ARG A 123 6.67 -22.56 15.72
C ARG A 123 7.85 -23.34 16.28
N LEU A 124 8.92 -22.61 16.61
CA LEU A 124 10.17 -23.22 17.04
C LEU A 124 10.54 -22.96 18.49
N PHE A 125 9.97 -21.94 19.13
CA PHE A 125 10.36 -21.54 20.47
C PHE A 125 9.12 -21.25 21.30
N ARG A 126 9.11 -21.72 22.55
CA ARG A 126 8.14 -21.29 23.54
C ARG A 126 8.80 -21.27 24.91
N LYS A 127 8.04 -20.82 25.91
CA LYS A 127 8.53 -20.78 27.28
C LYS A 127 8.72 -22.18 27.85
N SER A 128 7.71 -23.02 27.73
CA SER A 128 7.72 -24.33 28.39
C SER A 128 6.86 -25.29 27.58
N ASN A 129 6.50 -26.41 28.19
CA ASN A 129 5.70 -27.45 27.56
C ASN A 129 4.27 -26.96 27.30
N LEU A 130 3.51 -27.78 26.59
CA LEU A 130 2.12 -27.51 26.26
C LEU A 130 1.23 -28.63 26.76
N LYS A 131 0.02 -28.27 27.18
CA LYS A 131 -0.99 -29.25 27.53
C LYS A 131 -1.67 -29.77 26.26
N PRO A 132 -2.24 -30.98 26.30
CA PRO A 132 -2.85 -31.54 25.09
C PRO A 132 -4.02 -30.72 24.60
N PHE A 133 -4.20 -30.71 23.28
CA PHE A 133 -5.34 -30.06 22.62
C PHE A 133 -5.42 -28.57 22.97
N GLU A 134 -4.40 -27.84 22.54
CA GLU A 134 -4.33 -26.40 22.77
C GLU A 134 -3.82 -25.71 21.52
N ARG A 135 -4.37 -24.54 21.25
CA ARG A 135 -3.97 -23.71 20.10
C ARG A 135 -3.26 -22.47 20.64
N ASP A 136 -2.02 -22.28 20.23
CA ASP A 136 -1.19 -21.18 20.71
C ASP A 136 -1.16 -20.10 19.65
N ILE A 137 -1.64 -18.91 20.01
CA ILE A 137 -1.66 -17.77 19.11
C ILE A 137 -0.69 -16.69 19.59
N SER A 138 0.32 -17.08 20.37
CA SER A 138 1.29 -16.12 20.89
C SER A 138 2.11 -15.53 19.75
N THR A 139 2.35 -14.22 19.83
CA THR A 139 3.13 -13.50 18.83
C THR A 139 4.26 -12.67 19.42
N GLU A 140 4.36 -12.58 20.74
CA GLU A 140 5.40 -11.77 21.37
C GLU A 140 6.77 -12.38 21.11
N ILE A 141 7.78 -11.51 21.05
CA ILE A 141 9.14 -11.95 20.80
C ILE A 141 9.60 -12.86 21.93
N TYR A 142 10.29 -13.93 21.57
CA TYR A 142 10.82 -14.89 22.53
C TYR A 142 12.25 -14.50 22.89
N GLN A 143 12.55 -14.51 24.19
CA GLN A 143 13.84 -14.09 24.70
C GLN A 143 14.79 -15.27 24.78
N ALA A 144 16.07 -15.02 24.54
CA ALA A 144 17.10 -16.05 24.65
C ALA A 144 17.98 -15.86 25.87
N GLY A 145 18.59 -14.69 26.02
CA GLY A 145 19.57 -14.46 27.06
C GLY A 145 19.18 -13.38 28.05
N ASN A 146 17.92 -13.41 28.50
CA ASN A 146 17.36 -12.35 29.34
C ASN A 146 17.30 -11.07 28.52
N LYS A 147 17.18 -9.92 29.20
CA LYS A 147 17.11 -8.58 28.60
C LYS A 147 16.24 -8.57 27.35
N PRO A 148 14.92 -8.68 27.50
CA PRO A 148 14.05 -8.80 26.32
C PRO A 148 14.20 -7.61 25.38
N CYS A 149 14.19 -7.91 24.08
CA CYS A 149 14.48 -6.92 23.06
C CYS A 149 13.30 -6.01 22.73
N ASN A 150 12.09 -6.37 23.17
CA ASN A 150 10.89 -5.55 22.94
C ASN A 150 10.64 -5.36 21.44
N GLY A 151 10.46 -6.49 20.75
CA GLY A 151 10.09 -6.48 19.34
C GLY A 151 11.23 -6.34 18.37
N VAL A 152 12.48 -6.23 18.84
CA VAL A 152 13.61 -6.09 17.92
C VAL A 152 13.85 -7.39 17.16
N ALA A 153 13.74 -8.53 17.84
CA ALA A 153 14.02 -9.84 17.26
C ALA A 153 15.44 -9.90 16.70
N GLY A 154 16.38 -9.33 17.46
CA GLY A 154 17.75 -9.27 17.00
C GLY A 154 18.66 -10.26 17.68
N PHE A 155 19.83 -9.81 18.13
CA PHE A 155 20.77 -10.69 18.80
C PHE A 155 20.27 -11.04 20.19
N ASN A 156 20.47 -12.30 20.58
CA ASN A 156 20.07 -12.83 21.88
C ASN A 156 18.56 -12.79 22.10
N CYS A 157 17.78 -12.74 21.02
CA CYS A 157 16.34 -12.80 21.11
C CYS A 157 15.80 -13.23 19.75
N TYR A 158 15.05 -14.33 19.73
CA TYR A 158 14.65 -14.95 18.47
C TYR A 158 13.14 -15.00 18.34
N PHE A 159 12.67 -14.89 17.10
CA PHE A 159 11.24 -14.94 16.86
C PHE A 159 10.75 -16.37 16.96
N PRO A 160 9.59 -16.61 17.59
CA PRO A 160 9.15 -17.98 17.86
C PRO A 160 8.81 -18.81 16.63
N LEU A 161 8.58 -18.20 15.48
CA LEU A 161 8.03 -18.92 14.33
C LEU A 161 9.03 -18.97 13.18
N ARG A 162 8.94 -20.04 12.39
CA ARG A 162 9.84 -20.29 11.27
C ARG A 162 9.08 -21.07 10.19
N SER A 163 9.72 -21.30 9.06
CA SER A 163 9.11 -22.01 7.95
C SER A 163 10.20 -22.67 7.12
N TYR A 164 9.79 -23.66 6.31
CA TYR A 164 10.73 -24.43 5.50
C TYR A 164 10.12 -24.71 4.13
N SER A 165 11.00 -24.97 3.18
CA SER A 165 10.62 -25.11 1.77
C SER A 165 10.03 -26.48 1.49
N PHE A 166 9.50 -26.62 0.27
CA PHE A 166 8.88 -27.86 -0.20
C PHE A 166 9.29 -28.14 -1.64
N ARG A 167 10.57 -27.99 -1.93
CA ARG A 167 11.07 -28.20 -3.29
C ARG A 167 10.91 -29.66 -3.69
N PRO A 168 10.23 -29.95 -4.81
CA PRO A 168 10.02 -31.36 -5.19
C PRO A 168 11.31 -32.12 -5.45
N THR A 169 12.34 -31.45 -5.97
CA THR A 169 13.58 -32.14 -6.32
C THR A 169 14.41 -32.41 -5.07
N TYR A 170 13.84 -33.13 -4.12
CA TYR A 170 14.49 -33.52 -2.88
C TYR A 170 14.42 -35.02 -2.71
N GLY A 171 14.85 -35.49 -1.54
CA GLY A 171 14.75 -36.89 -1.19
C GLY A 171 13.38 -37.25 -0.65
N VAL A 172 13.28 -38.48 -0.16
CA VAL A 172 12.02 -38.97 0.39
C VAL A 172 11.64 -38.19 1.64
N GLY A 173 12.62 -37.93 2.52
CA GLY A 173 12.35 -37.29 3.79
C GLY A 173 11.82 -35.87 3.67
N HIS A 174 12.10 -35.19 2.55
CA HIS A 174 11.64 -33.83 2.36
C HIS A 174 10.29 -33.76 1.66
N GLN A 175 9.73 -34.89 1.25
CA GLN A 175 8.44 -34.88 0.60
C GLN A 175 7.36 -34.51 1.61
N PRO A 176 6.42 -33.64 1.23
CA PRO A 176 5.34 -33.24 2.15
C PRO A 176 4.28 -34.33 2.26
N TYR A 177 4.01 -34.76 3.48
CA TYR A 177 3.05 -35.84 3.74
C TYR A 177 1.81 -35.21 4.38
N ARG A 178 0.66 -35.39 3.74
CA ARG A 178 -0.59 -34.94 4.33
C ARG A 178 -1.10 -35.96 5.33
N VAL A 179 -1.41 -35.50 6.54
CA VAL A 179 -1.75 -36.37 7.66
C VAL A 179 -3.07 -35.91 8.27
N VAL A 180 -3.89 -36.88 8.67
CA VAL A 180 -5.21 -36.63 9.25
C VAL A 180 -5.28 -37.33 10.60
N VAL A 181 -5.72 -36.60 11.62
CA VAL A 181 -5.84 -37.12 12.97
C VAL A 181 -7.31 -37.34 13.28
N LEU A 182 -7.61 -38.48 13.90
CA LEU A 182 -8.98 -38.86 14.28
C LEU A 182 -9.04 -39.03 15.78
N SER A 183 -10.01 -38.37 16.41
CA SER A 183 -10.22 -38.51 17.85
C SER A 183 -11.71 -38.45 18.13
N PHE A 184 -12.07 -38.80 19.37
CA PHE A 184 -13.47 -38.95 19.75
C PHE A 184 -13.56 -39.02 21.27
N GLU A 185 -14.76 -39.35 21.76
CA GLU A 185 -15.04 -39.51 23.17
C GLU A 185 -16.27 -40.41 23.30
N LEU A 186 -16.52 -40.89 24.52
CA LEU A 186 -17.59 -41.88 24.72
C LEU A 186 -18.90 -41.22 25.16
N LEU A 187 -18.83 -40.34 26.16
CA LEU A 187 -19.97 -39.53 26.61
C LEU A 187 -21.16 -40.37 27.05
N HIS A 188 -22.35 -39.76 27.14
CA HIS A 188 -23.52 -40.46 27.67
C HIS A 188 -24.83 -40.13 26.94
N ALA A 189 -24.79 -39.91 25.63
CA ALA A 189 -25.99 -39.78 24.80
C ALA A 189 -26.04 -40.90 23.77
N PRO A 190 -27.22 -41.17 23.19
CA PRO A 190 -27.28 -42.18 22.13
C PRO A 190 -26.37 -41.83 20.97
N ALA A 191 -25.85 -42.88 20.32
CA ALA A 191 -24.79 -42.75 19.33
C ALA A 191 -25.17 -41.80 18.20
N THR A 192 -24.16 -41.31 17.49
CA THR A 192 -24.36 -40.19 16.59
C THR A 192 -24.05 -40.48 15.14
N VAL A 193 -23.16 -41.43 14.82
CA VAL A 193 -22.68 -41.59 13.46
C VAL A 193 -22.92 -42.99 12.90
N CYS A 194 -22.22 -44.01 13.43
CA CYS A 194 -22.12 -45.37 12.87
C CYS A 194 -23.19 -45.81 11.87
N GLY A 195 -23.99 -46.80 12.25
CA GLY A 195 -24.98 -47.36 11.36
C GLY A 195 -24.82 -48.85 11.13
N GLN B 1 -18.48 -6.58 -9.70
CA GLN B 1 -18.28 -7.71 -8.80
C GLN B 1 -17.37 -7.35 -7.64
N VAL B 2 -16.43 -6.44 -7.90
CA VAL B 2 -15.49 -6.00 -6.88
C VAL B 2 -15.45 -4.47 -6.85
N GLN B 3 -16.52 -3.84 -7.31
CA GLN B 3 -16.56 -2.39 -7.38
C GLN B 3 -16.74 -1.79 -5.99
N LEU B 4 -16.10 -0.63 -5.78
CA LEU B 4 -16.15 0.09 -4.52
C LEU B 4 -16.58 1.53 -4.78
N VAL B 5 -17.43 2.06 -3.91
CA VAL B 5 -17.85 3.45 -3.95
C VAL B 5 -17.67 4.06 -2.57
N GLU B 6 -17.13 5.27 -2.52
CA GLU B 6 -16.78 5.91 -1.26
C GLU B 6 -17.27 7.35 -1.26
N SER B 7 -17.61 7.84 -0.06
CA SER B 7 -18.06 9.21 0.10
C SER B 7 -17.79 9.65 1.53
N GLY B 8 -17.77 10.96 1.73
CA GLY B 8 -17.49 11.53 3.04
C GLY B 8 -16.24 12.38 3.13
N GLY B 9 -15.52 12.57 2.02
CA GLY B 9 -14.36 13.44 2.05
C GLY B 9 -14.73 14.91 2.06
N GLY B 10 -13.73 15.74 2.35
CA GLY B 10 -13.94 17.17 2.38
C GLY B 10 -12.91 17.82 3.28
N VAL B 11 -13.12 19.13 3.51
CA VAL B 11 -12.22 19.95 4.31
C VAL B 11 -13.06 20.69 5.34
N VAL B 12 -12.59 20.72 6.59
CA VAL B 12 -13.31 21.36 7.68
C VAL B 12 -12.30 21.84 8.71
N GLN B 13 -12.76 22.66 9.65
CA GLN B 13 -11.93 23.10 10.74
C GLN B 13 -11.51 21.91 11.62
N PRO B 14 -10.33 21.97 12.24
CA PRO B 14 -9.90 20.88 13.11
C PRO B 14 -10.72 20.79 14.38
N GLY B 15 -10.79 19.59 14.93
CA GLY B 15 -11.43 19.38 16.21
C GLY B 15 -12.87 18.94 16.16
N ARG B 16 -13.37 18.51 15.01
CA ARG B 16 -14.74 18.03 14.88
C ARG B 16 -14.75 16.69 14.15
N SER B 17 -15.69 15.84 14.53
CA SER B 17 -15.75 14.49 13.99
C SER B 17 -16.29 14.50 12.56
N LEU B 18 -15.84 13.51 11.78
CA LEU B 18 -16.23 13.39 10.38
C LEU B 18 -16.63 11.95 10.08
N ARG B 19 -17.63 11.80 9.22
CA ARG B 19 -18.16 10.51 8.81
C ARG B 19 -17.84 10.26 7.35
N LEU B 20 -17.17 9.14 7.09
CA LEU B 20 -16.83 8.75 5.72
C LEU B 20 -17.12 7.26 5.56
N SER B 21 -17.49 6.87 4.35
CA SER B 21 -17.97 5.52 4.07
C SER B 21 -17.19 4.88 2.93
N CYS B 22 -16.96 3.59 3.04
CA CYS B 22 -16.45 2.74 1.96
C CYS B 22 -17.52 1.70 1.66
N ALA B 23 -18.45 2.06 0.79
CA ALA B 23 -19.51 1.14 0.40
C ALA B 23 -19.01 0.19 -0.69
N ALA B 24 -19.42 -1.07 -0.60
CA ALA B 24 -18.99 -2.10 -1.54
C ALA B 24 -20.19 -2.67 -2.28
N SER B 25 -19.96 -3.06 -3.54
CA SER B 25 -20.97 -3.70 -4.35
C SER B 25 -20.31 -4.81 -5.16
N GLY B 26 -21.13 -5.81 -5.52
CA GLY B 26 -20.66 -6.96 -6.24
C GLY B 26 -20.26 -8.13 -5.38
N PHE B 27 -19.99 -7.89 -4.10
CA PHE B 27 -19.72 -8.96 -3.15
C PHE B 27 -19.92 -8.42 -1.74
N THR B 28 -20.23 -9.33 -0.82
CA THR B 28 -20.55 -8.94 0.55
C THR B 28 -19.26 -8.69 1.31
N LEU B 29 -19.02 -7.43 1.71
CA LEU B 29 -17.87 -7.12 2.54
C LEU B 29 -18.00 -7.77 3.92
N SER B 30 -19.23 -7.98 4.39
CA SER B 30 -19.43 -8.69 5.64
C SER B 30 -18.98 -10.14 5.56
N SER B 31 -18.74 -10.66 4.35
CA SER B 31 -18.29 -12.04 4.24
C SER B 31 -16.98 -12.26 4.97
N TYR B 32 -16.02 -11.36 4.77
CA TYR B 32 -14.72 -11.57 5.39
C TYR B 32 -13.99 -10.22 5.37
N GLY B 33 -12.82 -10.17 5.99
CA GLY B 33 -12.18 -8.90 6.30
C GLY B 33 -11.49 -8.23 5.13
N MET B 34 -10.96 -7.05 5.41
CA MET B 34 -10.24 -6.20 4.44
C MET B 34 -9.43 -5.19 5.23
N HIS B 35 -8.90 -4.18 4.55
CA HIS B 35 -8.14 -3.14 5.23
C HIS B 35 -8.15 -1.87 4.37
N TRP B 36 -7.34 -0.89 4.74
CA TRP B 36 -7.30 0.42 4.09
C TRP B 36 -6.06 1.18 4.55
N VAL B 37 -5.65 2.15 3.74
CA VAL B 37 -4.36 2.82 3.94
C VAL B 37 -4.48 4.25 3.43
N ARG B 38 -3.60 5.12 3.95
CA ARG B 38 -3.56 6.53 3.56
C ARG B 38 -2.23 6.86 2.89
N GLN B 39 -2.27 7.87 2.02
CA GLN B 39 -1.10 8.32 1.27
C GLN B 39 -0.96 9.82 1.44
N ALA B 40 0.12 10.26 2.08
CA ALA B 40 0.39 11.68 2.23
C ALA B 40 0.75 12.30 0.88
N PRO B 41 0.47 13.59 0.68
CA PRO B 41 0.85 14.24 -0.58
C PRO B 41 2.35 14.26 -0.79
N GLY B 42 2.82 13.55 -1.80
CA GLY B 42 4.26 13.44 -2.05
C GLY B 42 4.98 12.46 -1.16
N LYS B 43 4.81 12.59 0.15
CA LYS B 43 5.45 11.67 1.08
C LYS B 43 4.86 10.27 0.94
N GLY B 44 5.67 9.26 1.25
CA GLY B 44 5.25 7.89 1.01
C GLY B 44 4.06 7.49 1.87
N LEU B 45 3.22 6.63 1.31
CA LEU B 45 2.04 6.14 2.00
C LEU B 45 2.42 5.21 3.15
N GLU B 46 1.55 5.16 4.17
CA GLU B 46 1.79 4.35 5.34
C GLU B 46 0.47 3.86 5.91
N TRP B 47 0.52 2.71 6.59
CA TRP B 47 -0.68 1.99 6.98
C TRP B 47 -1.40 2.68 8.14
N VAL B 48 -2.72 2.48 8.19
CA VAL B 48 -3.54 3.04 9.27
C VAL B 48 -4.29 1.98 10.06
N ALA B 49 -5.11 1.16 9.39
CA ALA B 49 -5.96 0.26 10.16
C ALA B 49 -6.34 -0.95 9.31
N VAL B 50 -6.67 -2.04 10.01
CA VAL B 50 -7.07 -3.30 9.41
C VAL B 50 -8.28 -3.81 10.17
N ILE B 51 -9.17 -4.52 9.48
CA ILE B 51 -10.33 -5.09 10.14
C ILE B 51 -10.19 -6.61 10.04
N SER B 52 -11.16 -7.35 10.55
CA SER B 52 -11.02 -8.75 10.91
C SER B 52 -12.27 -9.47 10.42
N TYR B 53 -12.60 -10.58 11.07
CA TYR B 53 -13.64 -11.50 10.64
C TYR B 53 -15.02 -10.85 10.67
N ASP B 54 -15.06 -9.52 10.83
CA ASP B 54 -16.27 -8.73 11.02
C ASP B 54 -16.89 -9.07 12.36
N GLY B 55 -16.13 -8.85 13.44
CA GLY B 55 -16.55 -9.14 14.79
C GLY B 55 -15.42 -9.59 15.68
N SER B 56 -14.24 -9.78 15.09
CA SER B 56 -13.12 -10.38 15.81
C SER B 56 -12.18 -9.34 16.44
N ASN B 57 -11.55 -8.51 15.61
CA ASN B 57 -10.45 -7.67 16.06
C ASN B 57 -10.56 -6.27 15.49
N LYS B 58 -9.95 -5.31 16.18
CA LYS B 58 -10.01 -3.88 15.86
C LYS B 58 -8.61 -3.28 15.89
N TYR B 59 -7.63 -3.99 15.33
CA TYR B 59 -6.24 -3.54 15.42
C TYR B 59 -6.04 -2.19 14.74
N TYR B 60 -5.27 -1.32 15.38
CA TYR B 60 -4.96 0.01 14.88
C TYR B 60 -3.45 0.23 14.95
N VAL B 61 -3.01 1.38 14.43
CA VAL B 61 -1.61 1.77 14.62
C VAL B 61 -1.41 2.23 16.06
N ASP B 62 -0.15 2.21 16.51
CA ASP B 62 0.16 2.72 17.84
C ASP B 62 -0.10 4.22 17.94
N SER B 63 -0.14 4.91 16.80
CA SER B 63 -0.28 6.36 16.77
C SER B 63 -1.70 6.83 17.02
N VAL B 64 -2.69 5.94 17.06
CA VAL B 64 -4.08 6.35 17.15
C VAL B 64 -4.81 5.70 18.32
N LYS B 65 -4.08 5.11 19.26
CA LYS B 65 -4.73 4.50 20.41
C LYS B 65 -5.52 5.56 21.18
N GLY B 66 -6.79 5.26 21.46
CA GLY B 66 -7.64 6.14 22.23
C GLY B 66 -8.28 7.27 21.47
N ARG B 67 -8.15 7.32 20.14
CA ARG B 67 -8.74 8.41 19.39
C ARG B 67 -9.48 7.99 18.12
N PHE B 68 -9.47 6.72 17.74
CA PHE B 68 -10.12 6.24 16.53
C PHE B 68 -11.01 5.04 16.81
N THR B 69 -12.00 4.86 15.94
CA THR B 69 -12.96 3.77 16.06
C THR B 69 -13.51 3.45 14.67
N ILE B 70 -13.75 2.16 14.43
CA ILE B 70 -14.20 1.67 13.14
C ILE B 70 -15.60 1.06 13.32
N SER B 71 -16.38 1.08 12.25
CA SER B 71 -17.74 0.58 12.29
C SER B 71 -18.12 -0.01 10.93
N ARG B 72 -19.13 -0.87 10.94
CA ARG B 72 -19.57 -1.62 9.77
C ARG B 72 -21.08 -1.57 9.68
N ASP B 73 -21.60 -1.91 8.50
CA ASP B 73 -23.04 -2.01 8.27
C ASP B 73 -23.28 -3.26 7.44
N ASN B 74 -23.70 -4.35 8.11
CA ASN B 74 -23.86 -5.62 7.41
C ASN B 74 -25.10 -5.61 6.54
N SER B 75 -26.21 -5.07 7.04
CA SER B 75 -27.46 -5.07 6.29
C SER B 75 -27.34 -4.26 5.01
N LYS B 76 -26.69 -3.11 5.06
CA LYS B 76 -26.53 -2.25 3.90
C LYS B 76 -25.20 -2.46 3.18
N ASN B 77 -24.35 -3.35 3.69
CA ASN B 77 -23.08 -3.71 3.04
C ASN B 77 -22.18 -2.48 2.85
N THR B 78 -21.80 -1.88 3.98
CA THR B 78 -20.78 -0.84 3.98
C THR B 78 -20.14 -0.83 5.35
N LEU B 79 -18.93 -0.25 5.42
CA LEU B 79 -18.24 -0.07 6.69
C LEU B 79 -17.98 1.40 6.91
N TYR B 80 -18.12 1.84 8.15
CA TYR B 80 -18.01 3.25 8.50
C TYR B 80 -16.57 3.56 8.90
N LEU B 81 -16.04 4.64 8.33
CA LEU B 81 -14.66 5.06 8.56
C LEU B 81 -14.60 6.22 9.54
N GLN B 82 -15.41 6.14 10.61
CA GLN B 82 -15.59 7.22 11.58
C GLN B 82 -14.30 7.95 11.88
N MET B 83 -14.33 9.28 11.75
CA MET B 83 -13.15 10.12 11.86
C MET B 83 -13.49 11.22 12.87
N ASN B 84 -13.04 11.07 14.11
CA ASN B 84 -13.43 11.96 15.20
C ASN B 84 -12.38 13.03 15.46
N SER B 85 -12.82 14.28 15.49
CA SER B 85 -12.00 15.41 15.97
C SER B 85 -10.69 15.52 15.19
N LEU B 86 -10.84 15.90 13.91
CA LEU B 86 -9.70 16.02 12.99
C LEU B 86 -8.50 16.74 13.62
N ARG B 87 -7.33 16.18 13.35
CA ARG B 87 -6.03 16.76 13.67
C ARG B 87 -5.26 17.01 12.38
N ALA B 88 -4.45 18.06 12.39
CA ALA B 88 -3.63 18.40 11.22
C ALA B 88 -2.61 17.33 10.90
N GLU B 89 -2.33 16.43 11.85
CA GLU B 89 -1.36 15.37 11.63
C GLU B 89 -1.83 14.36 10.59
N ASP B 90 -3.13 14.26 10.34
CA ASP B 90 -3.69 13.30 9.40
C ASP B 90 -4.31 14.06 8.24
N THR B 91 -3.75 13.88 7.04
CA THR B 91 -4.25 14.53 5.83
C THR B 91 -3.81 13.67 4.64
N ALA B 92 -4.76 12.93 4.08
CA ALA B 92 -4.43 12.04 2.96
C ALA B 92 -5.70 11.77 2.15
N VAL B 93 -5.55 10.91 1.16
CA VAL B 93 -6.64 10.57 0.24
C VAL B 93 -6.92 9.09 0.46
N TYR B 94 -6.79 8.68 1.72
CA TYR B 94 -6.90 7.27 2.10
C TYR B 94 -8.10 6.58 1.46
N TYR B 95 -7.89 5.30 1.12
CA TYR B 95 -8.86 4.50 0.39
C TYR B 95 -8.82 3.06 0.91
N CYS B 96 -9.93 2.35 0.73
CA CYS B 96 -10.13 1.03 1.33
C CYS B 96 -9.73 -0.09 0.38
N ALA B 97 -9.32 -1.21 0.96
CA ALA B 97 -8.76 -2.34 0.23
C ALA B 97 -9.67 -3.56 0.35
N ARG B 98 -9.17 -4.68 -0.15
CA ARG B 98 -9.93 -5.91 -0.33
C ARG B 98 -9.11 -7.13 0.00
N GLY B 99 -9.66 -8.02 0.82
CA GLY B 99 -8.95 -9.26 1.10
C GLY B 99 -9.78 -10.50 1.37
N TRP B 100 -11.02 -10.60 0.88
CA TRP B 100 -11.87 -11.68 1.37
C TRP B 100 -11.39 -13.04 0.90
N ALA B 101 -11.42 -14.01 1.82
CA ALA B 101 -11.25 -15.43 1.57
C ALA B 101 -11.72 -16.13 2.84
N TYR B 102 -11.58 -17.45 2.92
CA TYR B 102 -11.98 -18.07 4.18
C TYR B 102 -11.07 -19.23 4.58
N TRP B 103 -10.02 -19.49 3.80
CA TRP B 103 -9.26 -20.72 4.00
C TRP B 103 -7.78 -20.37 3.94
N GLU B 104 -7.18 -20.10 5.10
CA GLU B 104 -5.78 -19.71 5.13
C GLU B 104 -5.25 -19.74 6.56
N LEU B 105 -3.93 -19.60 6.70
CA LEU B 105 -3.29 -19.44 7.99
C LEU B 105 -3.41 -18.00 8.45
N LEU B 106 -3.41 -17.81 9.77
CA LEU B 106 -3.67 -16.50 10.38
C LEU B 106 -2.55 -16.11 11.35
N PRO B 107 -1.32 -15.88 10.86
CA PRO B 107 -0.28 -15.34 11.73
C PRO B 107 -0.18 -13.83 11.59
N ASP B 108 -1.03 -13.28 10.73
CA ASP B 108 -0.98 -11.89 10.34
C ASP B 108 -2.37 -11.49 9.86
N TYR B 109 -2.50 -10.27 9.36
CA TYR B 109 -3.75 -9.87 8.74
C TYR B 109 -3.82 -10.26 7.27
N TYR B 110 -2.67 -10.50 6.64
CA TYR B 110 -2.51 -11.03 5.29
C TYR B 110 -3.39 -10.36 4.25
N TYR B 111 -3.44 -10.95 3.05
CA TYR B 111 -4.22 -10.46 1.91
C TYR B 111 -4.15 -8.94 1.80
N GLY B 112 -2.94 -8.46 1.59
CA GLY B 112 -2.68 -7.04 1.39
C GLY B 112 -3.45 -6.45 0.24
N MET B 113 -3.30 -5.14 0.06
CA MET B 113 -3.87 -4.36 -1.03
C MET B 113 -3.94 -5.15 -2.34
N ASP B 114 -5.11 -5.19 -2.95
CA ASP B 114 -5.26 -5.84 -4.26
C ASP B 114 -6.05 -5.00 -5.25
N VAL B 115 -7.00 -4.20 -4.80
CA VAL B 115 -7.75 -3.28 -5.66
C VAL B 115 -7.81 -1.94 -4.97
N TRP B 116 -7.36 -0.89 -5.66
CA TRP B 116 -7.32 0.45 -5.09
C TRP B 116 -7.95 1.40 -6.09
N GLY B 117 -8.00 2.67 -5.74
CA GLY B 117 -8.36 3.72 -6.67
C GLY B 117 -9.83 4.11 -6.63
N GLN B 118 -10.10 5.30 -7.14
CA GLN B 118 -11.44 5.88 -7.17
C GLN B 118 -11.98 5.99 -5.74
N GLY B 119 -11.37 6.89 -4.98
CA GLY B 119 -11.71 7.10 -3.59
C GLY B 119 -11.98 8.56 -3.28
N THR B 120 -11.84 8.89 -2.00
CA THR B 120 -12.19 10.21 -1.49
C THR B 120 -10.97 10.93 -0.95
N THR B 121 -10.98 12.26 -1.09
CA THR B 121 -9.90 13.12 -0.63
C THR B 121 -10.34 13.87 0.62
N VAL B 122 -9.55 13.78 1.68
CA VAL B 122 -9.84 14.44 2.95
C VAL B 122 -8.65 15.31 3.32
N THR B 123 -8.92 16.58 3.59
CA THR B 123 -7.90 17.54 3.99
C THR B 123 -8.38 18.31 5.20
N VAL B 124 -7.49 18.50 6.17
CA VAL B 124 -7.78 19.25 7.38
C VAL B 124 -6.89 20.47 7.42
N SER B 125 -7.49 21.63 7.73
CA SER B 125 -6.76 22.88 7.75
C SER B 125 -7.39 23.80 8.78
N SER B 126 -6.58 24.73 9.28
CA SER B 126 -7.07 25.77 10.18
C SER B 126 -7.60 26.96 9.38
N ALA B 127 -8.64 26.69 8.59
CA ALA B 127 -9.20 27.69 7.69
C ALA B 127 -10.70 27.48 7.61
N SER B 128 -11.34 28.28 6.75
CA SER B 128 -12.77 28.20 6.53
C SER B 128 -13.04 28.56 5.07
N THR B 129 -14.31 28.82 4.74
CA THR B 129 -14.69 29.16 3.38
C THR B 129 -14.23 30.58 3.08
N LYS B 130 -12.98 30.71 2.63
CA LYS B 130 -12.38 32.01 2.36
C LYS B 130 -12.26 32.22 0.87
N GLY B 131 -12.74 33.37 0.39
CA GLY B 131 -12.81 33.66 -1.02
C GLY B 131 -11.46 33.70 -1.71
N PRO B 132 -11.34 32.95 -2.80
CA PRO B 132 -10.15 33.04 -3.64
C PRO B 132 -9.92 34.46 -4.16
N SER B 133 -8.64 34.80 -4.33
CA SER B 133 -8.25 36.06 -4.96
C SER B 133 -7.74 35.75 -6.36
N VAL B 134 -8.41 36.31 -7.37
CA VAL B 134 -8.16 35.99 -8.77
C VAL B 134 -7.44 37.15 -9.42
N PHE B 135 -6.39 36.84 -10.17
CA PHE B 135 -5.57 37.85 -10.83
C PHE B 135 -5.18 37.34 -12.21
N PRO B 136 -5.01 38.23 -13.17
CA PRO B 136 -4.59 37.83 -14.52
C PRO B 136 -3.08 37.79 -14.64
N LEU B 137 -2.62 37.24 -15.77
CA LEU B 137 -1.20 37.16 -16.10
C LEU B 137 -1.01 37.59 -17.54
N ALA B 138 -0.55 38.82 -17.74
CA ALA B 138 -0.33 39.36 -19.08
C ALA B 138 1.16 39.58 -19.30
N PRO B 139 1.80 38.79 -20.15
CA PRO B 139 3.26 38.96 -20.35
C PRO B 139 3.57 40.20 -21.16
N SER B 140 4.83 40.62 -21.07
CA SER B 140 5.34 41.69 -21.91
C SER B 140 5.65 41.16 -23.30
N SER B 141 6.10 42.05 -24.19
CA SER B 141 6.33 41.68 -25.58
C SER B 141 7.58 40.85 -25.78
N LYS B 142 8.51 40.85 -24.81
CA LYS B 142 9.79 40.17 -25.02
C LYS B 142 9.61 38.66 -25.11
N SER B 143 8.90 38.07 -24.15
CA SER B 143 8.69 36.62 -24.17
C SER B 143 7.68 36.19 -25.22
N THR B 144 6.82 37.10 -25.66
CA THR B 144 5.89 36.84 -26.76
C THR B 144 6.52 37.11 -28.12
N SER B 145 7.77 37.58 -28.15
CA SER B 145 8.49 37.81 -29.40
C SER B 145 9.01 36.49 -29.96
N GLY B 146 8.07 35.58 -30.22
CA GLY B 146 8.39 34.27 -30.73
C GLY B 146 7.16 33.62 -31.35
N GLY B 147 7.31 32.35 -31.69
CA GLY B 147 6.23 31.62 -32.31
C GLY B 147 5.04 31.42 -31.38
N THR B 148 5.30 31.17 -30.10
CA THR B 148 4.27 30.87 -29.13
C THR B 148 4.30 31.89 -28.00
N ALA B 149 3.12 32.26 -27.53
CA ALA B 149 2.96 33.17 -26.40
C ALA B 149 2.26 32.44 -25.26
N ALA B 150 2.56 32.85 -24.03
CA ALA B 150 2.04 32.19 -22.85
C ALA B 150 1.14 33.14 -22.07
N LEU B 151 -0.01 32.63 -21.66
CA LEU B 151 -0.96 33.38 -20.85
C LEU B 151 -1.39 32.54 -19.66
N GLY B 152 -1.71 33.21 -18.56
CA GLY B 152 -2.07 32.48 -17.34
C GLY B 152 -2.97 33.31 -16.45
N CYS B 153 -3.33 32.69 -15.32
CA CYS B 153 -4.15 33.33 -14.32
C CYS B 153 -3.77 32.77 -12.95
N LEU B 154 -3.65 33.66 -11.98
CA LEU B 154 -3.18 33.32 -10.64
C LEU B 154 -4.35 33.00 -9.72
N VAL B 155 -4.17 32.00 -8.86
CA VAL B 155 -5.15 31.61 -7.87
C VAL B 155 -4.54 31.78 -6.49
N LYS B 156 -5.24 32.51 -5.62
CA LYS B 156 -4.76 32.83 -4.29
C LYS B 156 -5.83 32.50 -3.26
N ASP B 157 -5.39 32.34 -2.01
CA ASP B 157 -6.20 32.29 -0.79
C ASP B 157 -7.56 31.62 -0.98
N TYR B 158 -7.57 30.44 -1.59
CA TYR B 158 -8.80 29.71 -1.86
C TYR B 158 -8.95 28.60 -0.83
N PHE B 159 -10.11 28.56 -0.16
CA PHE B 159 -10.40 27.51 0.80
C PHE B 159 -11.90 27.30 0.88
N PRO B 160 -12.36 26.04 1.03
CA PRO B 160 -11.50 24.86 1.07
C PRO B 160 -11.06 24.36 -0.32
N GLU B 161 -9.96 23.62 -0.35
CA GLU B 161 -9.47 23.06 -1.59
C GLU B 161 -10.34 21.88 -2.01
N PRO B 162 -10.40 21.57 -3.32
CA PRO B 162 -9.79 22.35 -4.40
C PRO B 162 -10.74 23.41 -4.94
N VAL B 163 -10.30 24.14 -5.96
CA VAL B 163 -11.16 25.07 -6.69
C VAL B 163 -11.08 24.72 -8.16
N THR B 164 -12.25 24.63 -8.81
CA THR B 164 -12.30 24.25 -10.21
C THR B 164 -11.69 25.36 -11.06
N VAL B 165 -10.63 25.04 -11.79
CA VAL B 165 -9.94 25.97 -12.64
C VAL B 165 -9.89 25.39 -14.05
N SER B 166 -10.23 26.21 -15.04
CA SER B 166 -10.27 25.78 -16.43
C SER B 166 -10.05 27.00 -17.30
N TRP B 167 -10.03 26.78 -18.62
CA TRP B 167 -9.76 27.84 -19.57
C TRP B 167 -10.75 27.79 -20.72
N ASN B 168 -11.31 28.96 -21.05
CA ASN B 168 -12.28 29.11 -22.13
C ASN B 168 -13.47 28.18 -21.95
N SER B 169 -13.90 27.99 -20.70
CA SER B 169 -15.04 27.13 -20.36
C SER B 169 -14.85 25.70 -20.85
N GLY B 170 -13.59 25.26 -20.96
CA GLY B 170 -13.29 23.94 -21.44
C GLY B 170 -13.32 23.79 -22.95
N ALA B 171 -13.63 24.85 -23.68
CA ALA B 171 -13.64 24.76 -25.14
C ALA B 171 -12.24 24.69 -25.71
N LEU B 172 -11.31 25.44 -25.15
CA LEU B 172 -9.93 25.47 -25.60
C LEU B 172 -9.04 24.78 -24.58
N THR B 173 -8.36 23.71 -25.03
CA THR B 173 -7.41 23.00 -24.17
C THR B 173 -6.01 22.93 -24.75
N SER B 174 -5.79 23.42 -25.97
CA SER B 174 -4.46 23.37 -26.56
C SER B 174 -3.49 24.25 -25.80
N GLY B 175 -2.37 23.68 -25.38
CA GLY B 175 -1.36 24.43 -24.65
C GLY B 175 -1.75 24.76 -23.23
N VAL B 176 -2.83 24.18 -22.71
CA VAL B 176 -3.29 24.44 -21.36
C VAL B 176 -2.65 23.41 -20.43
N HIS B 177 -1.95 23.90 -19.42
CA HIS B 177 -1.30 23.03 -18.45
C HIS B 177 -1.39 23.68 -17.07
N THR B 178 -1.73 22.88 -16.08
CA THR B 178 -1.99 23.34 -14.72
C THR B 178 -0.86 22.90 -13.80
N PHE B 179 -0.43 23.81 -12.92
CA PHE B 179 0.67 23.54 -12.02
C PHE B 179 0.17 23.40 -10.59
N PRO B 180 0.67 22.41 -9.85
CA PRO B 180 0.16 22.17 -8.50
C PRO B 180 0.53 23.29 -7.53
N ALA B 181 -0.27 23.40 -6.48
CA ALA B 181 -0.09 24.41 -5.45
C ALA B 181 0.80 23.89 -4.32
N VAL B 182 1.19 24.80 -3.44
CA VAL B 182 2.03 24.47 -2.29
C VAL B 182 1.50 25.17 -1.05
N LEU B 183 1.96 24.71 0.11
CA LEU B 183 1.66 25.39 1.37
C LEU B 183 2.44 26.69 1.45
N GLN B 184 1.76 27.77 1.81
CA GLN B 184 2.42 29.06 1.93
C GLN B 184 3.15 29.16 3.28
N SER B 185 3.72 30.33 3.54
CA SER B 185 4.33 30.57 4.84
C SER B 185 3.28 30.57 5.95
N SER B 186 2.09 31.11 5.67
CA SER B 186 0.99 31.12 6.61
C SER B 186 0.12 29.87 6.52
N GLY B 187 0.57 28.85 5.80
CA GLY B 187 -0.20 27.63 5.67
C GLY B 187 -1.33 27.69 4.68
N LEU B 188 -1.32 28.66 3.77
CA LEU B 188 -2.37 28.81 2.78
C LEU B 188 -1.95 28.17 1.45
N TYR B 189 -2.85 28.21 0.48
CA TYR B 189 -2.64 27.61 -0.82
C TYR B 189 -2.76 28.65 -1.92
N SER B 190 -1.97 28.44 -2.98
CA SER B 190 -2.00 29.30 -4.15
C SER B 190 -1.27 28.60 -5.29
N LEU B 191 -1.76 28.78 -6.52
CA LEU B 191 -1.18 28.14 -7.68
C LEU B 191 -1.46 28.97 -8.91
N SER B 192 -0.95 28.52 -10.05
CA SER B 192 -1.19 29.17 -11.32
C SER B 192 -1.20 28.12 -12.44
N SER B 193 -1.93 28.43 -13.49
CA SER B 193 -1.95 27.61 -14.71
C SER B 193 -1.62 28.52 -15.89
N VAL B 194 -0.72 28.06 -16.75
CA VAL B 194 -0.24 28.84 -17.88
C VAL B 194 -0.68 28.15 -19.15
N VAL B 195 -1.24 28.92 -20.08
CA VAL B 195 -1.67 28.41 -21.38
C VAL B 195 -0.71 28.96 -22.43
N THR B 196 -0.08 28.05 -23.16
CA THR B 196 0.83 28.42 -24.24
C THR B 196 0.10 28.34 -25.57
N VAL B 197 0.05 29.46 -26.28
CA VAL B 197 -0.65 29.52 -27.57
C VAL B 197 0.28 30.13 -28.60
N PRO B 198 0.11 29.82 -29.88
CA PRO B 198 0.97 30.43 -30.91
C PRO B 198 0.71 31.92 -31.02
N SER B 199 1.73 32.65 -31.47
CA SER B 199 1.66 34.11 -31.59
C SER B 199 0.72 34.57 -32.68
N SER B 200 0.16 33.65 -33.48
CA SER B 200 -0.83 33.98 -34.49
C SER B 200 -2.24 33.83 -33.94
N SER B 201 -2.40 34.01 -32.63
CA SER B 201 -3.69 33.89 -31.98
C SER B 201 -4.03 35.05 -31.06
N LEU B 202 -3.07 35.91 -30.72
CA LEU B 202 -3.33 37.01 -29.81
C LEU B 202 -4.29 38.02 -30.42
N GLY B 203 -5.17 38.55 -29.57
CA GLY B 203 -6.13 39.55 -30.01
C GLY B 203 -7.38 38.96 -30.64
N THR B 204 -7.20 38.10 -31.64
CA THR B 204 -8.33 37.53 -32.36
C THR B 204 -9.19 36.67 -31.45
N GLN B 205 -8.56 35.89 -30.58
CA GLN B 205 -9.26 34.95 -29.71
C GLN B 205 -9.48 35.55 -28.33
N THR B 206 -10.63 35.24 -27.73
CA THR B 206 -10.97 35.68 -26.39
C THR B 206 -10.46 34.67 -25.38
N TYR B 207 -9.45 35.06 -24.61
CA TYR B 207 -8.83 34.19 -23.63
C TYR B 207 -9.40 34.53 -22.26
N ILE B 208 -10.14 33.59 -21.67
CA ILE B 208 -10.88 33.82 -20.44
C ILE B 208 -10.54 32.72 -19.45
N CYS B 209 -10.18 33.12 -18.22
CA CYS B 209 -9.89 32.18 -17.15
C CYS B 209 -11.07 32.14 -16.18
N ASN B 210 -11.80 31.02 -16.19
CA ASN B 210 -12.94 30.84 -15.30
C ASN B 210 -12.52 30.10 -14.04
N VAL B 211 -13.01 30.55 -12.89
CA VAL B 211 -12.71 29.93 -11.61
C VAL B 211 -13.99 29.86 -10.78
N ASN B 212 -14.32 28.68 -10.28
CA ASN B 212 -15.45 28.49 -9.40
C ASN B 212 -14.99 27.82 -8.12
N HIS B 213 -15.33 28.43 -6.99
CA HIS B 213 -15.11 27.84 -5.67
C HIS B 213 -16.46 27.31 -5.21
N LYS B 214 -16.61 25.98 -5.26
CA LYS B 214 -17.93 25.38 -5.07
C LYS B 214 -18.56 25.69 -3.71
N PRO B 215 -17.86 25.57 -2.57
CA PRO B 215 -18.53 25.83 -1.29
C PRO B 215 -19.14 27.22 -1.18
N SER B 216 -18.48 28.23 -1.76
CA SER B 216 -19.05 29.57 -1.82
C SER B 216 -19.79 29.84 -3.12
N ASN B 217 -19.57 29.01 -4.14
CA ASN B 217 -20.21 29.17 -5.44
C ASN B 217 -20.02 30.58 -5.97
N THR B 218 -18.79 31.06 -5.90
CA THR B 218 -18.43 32.39 -6.39
C THR B 218 -17.87 32.27 -7.80
N LYS B 219 -18.31 33.14 -8.69
CA LYS B 219 -18.00 33.04 -10.11
C LYS B 219 -17.12 34.20 -10.52
N VAL B 220 -15.96 33.88 -11.09
CA VAL B 220 -15.06 34.88 -11.65
C VAL B 220 -14.60 34.39 -13.01
N ASP B 221 -14.88 35.18 -14.04
CA ASP B 221 -14.38 34.95 -15.39
C ASP B 221 -13.31 36.01 -15.66
N LYS B 222 -12.09 35.72 -15.24
CA LYS B 222 -11.00 36.68 -15.39
C LYS B 222 -10.58 36.78 -16.84
N LYS B 223 -10.55 38.01 -17.36
CA LYS B 223 -10.17 38.27 -18.74
C LYS B 223 -8.66 38.42 -18.82
N VAL B 224 -8.02 37.47 -19.49
CA VAL B 224 -6.56 37.44 -19.61
C VAL B 224 -6.21 37.80 -21.04
N GLU B 225 -5.61 38.96 -21.22
CA GLU B 225 -5.13 39.44 -22.50
C GLU B 225 -3.79 40.13 -22.29
N PRO B 226 -2.91 40.12 -23.28
CA PRO B 226 -1.58 40.73 -23.10
C PRO B 226 -1.68 42.21 -22.77
N LYS B 227 -0.76 42.68 -21.93
CA LYS B 227 -0.75 44.08 -21.52
C LYS B 227 -0.54 44.99 -22.72
N SER B 228 -1.36 46.04 -22.81
CA SER B 228 -1.24 47.04 -23.86
C SER B 228 -0.29 48.15 -23.45
N CYS B 229 0.94 47.77 -23.09
CA CYS B 229 1.96 48.72 -22.64
C CYS B 229 2.57 49.38 -23.87
N ASP B 230 1.82 50.31 -24.45
CA ASP B 230 2.25 51.04 -25.65
C ASP B 230 3.16 52.21 -25.26
N LYS B 231 4.20 51.88 -24.51
CA LYS B 231 5.15 52.88 -24.04
C LYS B 231 6.55 52.28 -23.97
N GLN C 1 13.66 3.00 14.90
CA GLN C 1 12.28 2.81 14.47
C GLN C 1 12.15 1.55 13.62
N THR C 2 10.94 0.98 13.61
CA THR C 2 10.66 -0.24 12.87
C THR C 2 10.83 -0.05 11.37
N VAL C 3 10.88 1.20 10.88
CA VAL C 3 11.09 1.47 9.47
C VAL C 3 12.31 0.69 8.99
N VAL C 4 12.12 -0.09 7.92
CA VAL C 4 13.06 -1.15 7.60
C VAL C 4 14.22 -0.68 6.74
N THR C 5 13.97 -0.29 5.49
CA THR C 5 14.94 0.15 4.49
C THR C 5 14.18 0.63 3.27
N GLN C 6 14.81 1.54 2.53
CA GLN C 6 14.42 1.86 1.16
C GLN C 6 15.60 2.53 0.47
N GLU C 7 16.06 1.95 -0.63
CA GLU C 7 17.12 2.59 -1.39
C GLU C 7 16.60 3.86 -2.06
N PRO C 8 17.46 4.84 -2.25
CA PRO C 8 17.00 6.08 -2.90
C PRO C 8 16.57 5.87 -4.35
N SER C 9 17.46 5.27 -5.14
CA SER C 9 17.19 5.06 -6.56
C SER C 9 18.20 4.07 -7.11
N PHE C 10 17.84 3.42 -8.21
CA PHE C 10 18.72 2.51 -8.93
C PHE C 10 18.61 2.76 -10.43
N SER C 11 19.68 2.43 -11.14
CA SER C 11 19.82 2.78 -12.55
C SER C 11 20.04 1.51 -13.38
N VAL C 12 19.38 1.44 -14.53
CA VAL C 12 19.55 0.31 -15.44
C VAL C 12 19.04 0.74 -16.82
N SER C 13 19.66 0.18 -17.86
CA SER C 13 19.20 0.41 -19.22
C SER C 13 18.03 -0.53 -19.56
N PRO C 14 17.15 -0.12 -20.46
CA PRO C 14 16.01 -0.98 -20.83
C PRO C 14 16.48 -2.16 -21.66
N GLY C 15 15.59 -3.14 -21.77
CA GLY C 15 15.89 -4.35 -22.53
C GLY C 15 16.85 -5.30 -21.84
N GLY C 16 17.13 -5.10 -20.56
CA GLY C 16 18.05 -5.96 -19.84
C GLY C 16 17.47 -6.45 -18.53
N THR C 17 18.34 -6.77 -17.58
CA THR C 17 17.94 -7.31 -16.30
C THR C 17 18.25 -6.30 -15.20
N VAL C 18 17.27 -6.09 -14.31
CA VAL C 18 17.41 -5.17 -13.19
C VAL C 18 17.04 -5.90 -11.91
N THR C 19 17.86 -5.73 -10.88
CA THR C 19 17.56 -6.25 -9.56
C THR C 19 17.16 -5.10 -8.65
N LEU C 20 16.52 -5.46 -7.54
CA LEU C 20 16.11 -4.48 -6.55
C LEU C 20 16.05 -5.17 -5.20
N THR C 21 16.64 -4.53 -4.18
CA THR C 21 16.78 -5.14 -2.86
C THR C 21 16.36 -4.16 -1.79
N CYS C 22 15.73 -4.68 -0.75
CA CYS C 22 15.42 -3.88 0.45
C CYS C 22 15.79 -4.73 1.67
N GLY C 23 16.90 -4.37 2.30
CA GLY C 23 17.37 -5.11 3.47
C GLY C 23 16.59 -4.77 4.72
N LEU C 24 17.07 -5.30 5.84
CA LEU C 24 16.43 -5.09 7.14
C LEU C 24 17.44 -4.49 8.11
N SER C 25 17.03 -3.42 8.81
CA SER C 25 17.84 -2.91 9.90
C SER C 25 17.92 -3.90 11.05
N SER C 26 16.86 -4.70 11.24
CA SER C 26 16.91 -5.81 12.17
C SER C 26 17.73 -6.97 11.62
N GLY C 27 17.80 -7.10 10.30
CA GLY C 27 18.63 -8.10 9.67
C GLY C 27 18.07 -9.50 9.65
N SER C 28 16.79 -9.68 9.97
CA SER C 28 16.16 -11.00 9.99
C SER C 28 15.12 -11.08 8.89
N VAL C 29 15.57 -11.45 7.69
CA VAL C 29 14.67 -11.69 6.58
C VAL C 29 14.12 -13.11 6.60
N SER C 30 14.80 -14.03 7.28
CA SER C 30 14.45 -15.44 7.39
C SER C 30 13.11 -15.67 8.11
N THR C 31 12.40 -14.59 8.46
CA THR C 31 11.11 -14.73 9.12
C THR C 31 10.11 -15.47 8.25
N ALA C 32 10.32 -15.49 6.95
CA ALA C 32 9.50 -16.21 5.97
C ALA C 32 8.06 -15.71 5.93
N TYR C 33 7.73 -14.68 6.69
CA TYR C 33 6.43 -14.04 6.50
C TYR C 33 6.38 -13.33 5.16
N PHE C 34 5.15 -13.10 4.70
CA PHE C 34 4.80 -12.62 3.38
C PHE C 34 5.63 -11.42 2.97
N PRO C 35 6.55 -11.57 2.04
CA PRO C 35 7.13 -10.41 1.37
C PRO C 35 6.30 -10.07 0.14
N SER C 36 5.83 -8.83 0.08
CA SER C 36 4.97 -8.41 -1.02
C SER C 36 5.49 -7.10 -1.58
N TRP C 37 5.57 -7.03 -2.90
CA TRP C 37 6.07 -5.84 -3.58
C TRP C 37 4.94 -5.24 -4.40
N TYR C 38 4.84 -3.91 -4.37
CA TYR C 38 3.68 -3.22 -4.93
C TYR C 38 4.12 -2.14 -5.92
N GLN C 39 3.40 -2.07 -7.03
CA GLN C 39 3.60 -1.00 -7.99
C GLN C 39 3.16 0.33 -7.38
N GLN C 40 3.63 1.42 -7.97
CA GLN C 40 3.16 2.75 -7.60
C GLN C 40 2.90 3.54 -8.87
N THR C 41 1.83 4.32 -8.85
CA THR C 41 1.51 5.25 -9.94
C THR C 41 1.33 6.63 -9.33
N PRO C 42 2.18 7.59 -9.65
CA PRO C 42 2.02 8.93 -9.07
C PRO C 42 0.78 9.63 -9.60
N GLY C 43 -0.22 9.78 -8.75
CA GLY C 43 -1.44 10.48 -9.10
C GLY C 43 -2.63 9.59 -9.40
N GLN C 44 -2.45 8.29 -9.51
CA GLN C 44 -3.56 7.39 -9.79
C GLN C 44 -3.36 6.09 -9.02
N ALA C 45 -4.16 5.09 -9.34
CA ALA C 45 -4.25 3.88 -8.53
C ALA C 45 -3.13 2.90 -8.85
N PRO C 46 -2.33 2.50 -7.89
CA PRO C 46 -1.36 1.42 -8.11
C PRO C 46 -2.02 0.05 -8.01
N ARG C 47 -1.24 -1.00 -8.25
CA ARG C 47 -1.73 -2.37 -8.27
C ARG C 47 -0.69 -3.28 -7.62
N THR C 48 -0.84 -4.58 -7.85
CA THR C 48 -0.07 -5.60 -7.16
C THR C 48 0.92 -6.28 -8.11
N LEU C 49 2.03 -6.74 -7.55
CA LEU C 49 2.95 -7.61 -8.27
C LEU C 49 3.07 -8.98 -7.62
N ILE C 50 3.46 -9.06 -6.35
CA ILE C 50 3.75 -10.33 -5.68
C ILE C 50 3.22 -10.27 -4.27
N TYR C 51 2.63 -11.37 -3.81
CA TYR C 51 2.20 -11.52 -2.42
C TYR C 51 2.72 -12.87 -1.91
N GLY C 52 3.91 -12.85 -1.32
CA GLY C 52 4.50 -14.05 -0.76
C GLY C 52 5.66 -14.60 -1.57
N THR C 53 6.89 -14.30 -1.14
CA THR C 53 8.12 -14.75 -1.77
C THR C 53 8.09 -14.52 -3.28
N ASN C 54 7.67 -15.54 -4.02
CA ASN C 54 7.49 -15.43 -5.46
C ASN C 54 6.09 -15.84 -5.90
N THR C 55 5.12 -15.86 -4.99
CA THR C 55 3.76 -16.19 -5.35
C THR C 55 3.24 -15.15 -6.34
N ARG C 56 3.05 -15.56 -7.58
CA ARG C 56 2.70 -14.63 -8.64
C ARG C 56 1.23 -14.22 -8.50
N SER C 57 0.93 -13.02 -9.03
CA SER C 57 -0.40 -12.46 -8.98
C SER C 57 -1.14 -12.77 -10.28
N SER C 58 -2.39 -12.30 -10.36
CA SER C 58 -3.23 -12.53 -11.52
C SER C 58 -3.07 -11.39 -12.53
N GLY C 59 -3.26 -11.73 -13.80
CA GLY C 59 -3.20 -10.74 -14.86
C GLY C 59 -1.87 -10.03 -14.92
N VAL C 60 -0.78 -10.79 -14.87
CA VAL C 60 0.55 -10.21 -14.77
C VAL C 60 1.41 -10.69 -15.94
N PRO C 61 2.28 -9.84 -16.48
CA PRO C 61 3.30 -10.33 -17.41
C PRO C 61 4.32 -11.20 -16.69
N ASP C 62 4.87 -12.18 -17.42
CA ASP C 62 5.74 -13.17 -16.82
C ASP C 62 7.15 -12.66 -16.55
N ARG C 63 7.53 -11.53 -17.15
CA ARG C 63 8.91 -11.07 -17.04
C ARG C 63 9.31 -10.77 -15.60
N PHE C 64 8.35 -10.40 -14.76
CA PHE C 64 8.68 -10.04 -13.39
C PHE C 64 8.85 -11.28 -12.53
N SER C 65 9.76 -11.19 -11.56
CA SER C 65 9.99 -12.26 -10.61
C SER C 65 10.70 -11.68 -9.39
N GLY C 66 10.83 -12.51 -8.36
CA GLY C 66 11.52 -12.10 -7.16
C GLY C 66 11.42 -13.11 -6.03
N SER C 67 12.48 -13.20 -5.22
CA SER C 67 12.52 -14.19 -4.15
C SER C 67 13.52 -13.72 -3.10
N ILE C 68 13.49 -14.39 -1.95
CA ILE C 68 14.47 -14.13 -0.90
C ILE C 68 15.81 -14.68 -1.37
N LEU C 69 16.72 -13.78 -1.78
CA LEU C 69 18.04 -14.17 -2.26
C LEU C 69 19.09 -13.55 -1.35
N GLY C 70 20.02 -14.36 -0.88
CA GLY C 70 20.94 -13.87 0.12
C GLY C 70 20.26 -13.77 1.47
N ASN C 71 20.90 -13.01 2.36
CA ASN C 71 20.36 -12.81 3.71
C ASN C 71 19.26 -11.75 3.72
N LYS C 72 19.13 -10.97 2.66
CA LYS C 72 18.20 -9.85 2.62
C LYS C 72 17.28 -9.98 1.40
N ALA C 73 16.00 -9.67 1.61
CA ALA C 73 15.00 -9.86 0.57
C ALA C 73 15.22 -8.88 -0.58
N ALA C 74 15.00 -9.36 -1.80
CA ALA C 74 15.33 -8.60 -2.99
C ALA C 74 14.30 -8.86 -4.09
N LEU C 75 14.59 -8.36 -5.29
CA LEU C 75 13.80 -8.57 -6.48
C LEU C 75 14.75 -8.63 -7.67
N THR C 76 14.24 -9.15 -8.79
CA THR C 76 15.01 -9.18 -10.02
C THR C 76 14.05 -9.23 -11.20
N ILE C 77 14.16 -8.26 -12.10
CA ILE C 77 13.31 -8.16 -13.27
C ILE C 77 14.19 -8.06 -14.51
N THR C 78 13.76 -8.72 -15.58
CA THR C 78 14.48 -8.71 -16.85
C THR C 78 13.54 -8.27 -17.96
N GLY C 79 14.13 -7.80 -19.06
CA GLY C 79 13.35 -7.30 -20.17
C GLY C 79 12.56 -6.06 -19.80
N ALA C 80 13.23 -5.12 -19.13
CA ALA C 80 12.56 -3.94 -18.61
C ALA C 80 12.03 -3.06 -19.74
N GLN C 81 10.91 -2.39 -19.48
CA GLN C 81 10.28 -1.52 -20.45
C GLN C 81 9.63 -0.35 -19.72
N ALA C 82 9.08 0.58 -20.50
CA ALA C 82 8.51 1.81 -19.99
C ALA C 82 7.10 1.64 -19.45
N ASP C 83 6.67 0.41 -19.17
CA ASP C 83 5.31 0.20 -18.68
C ASP C 83 5.10 0.86 -17.32
N ASP C 84 6.07 0.73 -16.41
CA ASP C 84 5.95 1.24 -15.04
C ASP C 84 7.22 1.99 -14.64
N GLU C 85 7.23 3.29 -14.92
CA GLU C 85 8.34 4.16 -14.56
C GLU C 85 8.02 4.82 -13.22
N SER C 86 8.28 4.09 -12.15
CA SER C 86 8.00 4.58 -10.80
C SER C 86 8.70 3.70 -9.79
N ASP C 87 8.58 4.08 -8.51
CA ASP C 87 9.13 3.31 -7.42
C ASP C 87 8.18 2.18 -7.03
N TYR C 88 8.61 1.37 -6.07
CA TYR C 88 7.81 0.24 -5.60
C TYR C 88 8.06 0.05 -4.11
N TYR C 89 7.12 -0.63 -3.46
CA TYR C 89 7.15 -0.83 -2.02
C TYR C 89 7.24 -2.31 -1.71
N CYS C 90 8.26 -2.72 -0.96
CA CYS C 90 8.33 -4.07 -0.43
C CYS C 90 7.78 -4.09 0.98
N VAL C 91 6.91 -5.04 1.27
CA VAL C 91 6.14 -5.06 2.51
C VAL C 91 6.35 -6.39 3.21
N LEU C 92 6.62 -6.33 4.52
CA LEU C 92 6.78 -7.50 5.37
C LEU C 92 5.81 -7.39 6.54
N TYR C 93 5.27 -8.53 6.98
CA TYR C 93 4.22 -8.52 7.99
C TYR C 93 4.78 -8.96 9.34
N MET C 94 4.94 -8.00 10.25
CA MET C 94 5.40 -8.29 11.61
C MET C 94 4.56 -7.46 12.57
N GLY C 95 4.05 -8.10 13.62
CA GLY C 95 3.49 -7.34 14.71
C GLY C 95 2.09 -7.72 15.17
N ARG C 96 1.44 -8.65 14.48
CA ARG C 96 0.10 -9.08 14.84
C ARG C 96 -0.84 -7.87 14.95
N GLY C 97 -1.02 -7.21 13.81
CA GLY C 97 -1.69 -5.93 13.76
C GLY C 97 -0.77 -4.76 13.51
N ILE C 98 0.46 -5.01 13.09
CA ILE C 98 1.43 -3.96 12.79
C ILE C 98 1.90 -4.14 11.35
N VAL C 99 1.96 -3.04 10.61
CA VAL C 99 2.37 -3.04 9.21
C VAL C 99 3.55 -2.11 9.04
N VAL C 100 4.54 -2.55 8.26
CA VAL C 100 5.69 -1.72 7.94
C VAL C 100 5.72 -1.50 6.43
N PHE C 101 5.90 -0.25 6.03
CA PHE C 101 6.11 0.14 4.65
C PHE C 101 7.49 0.79 4.51
N GLY C 102 7.78 1.28 3.31
CA GLY C 102 8.98 2.04 3.05
C GLY C 102 8.67 3.29 2.26
N GLY C 103 9.68 4.15 2.16
CA GLY C 103 9.54 5.39 1.42
C GLY C 103 9.60 5.26 -0.07
N GLY C 104 9.97 4.10 -0.58
CA GLY C 104 10.05 3.89 -2.00
C GLY C 104 11.47 3.97 -2.52
N THR C 105 11.73 3.22 -3.59
CA THR C 105 13.04 3.21 -4.23
C THR C 105 12.82 3.65 -5.68
N LYS C 106 13.29 4.85 -6.00
CA LYS C 106 12.96 5.49 -7.27
C LYS C 106 13.69 4.86 -8.44
N LEU C 107 13.22 3.71 -8.91
CA LEU C 107 13.79 3.09 -10.10
C LEU C 107 13.56 3.99 -11.32
N THR C 108 14.64 4.33 -11.99
CA THR C 108 14.60 5.15 -13.19
C THR C 108 15.29 4.40 -14.32
N VAL C 109 14.55 4.14 -15.39
CA VAL C 109 15.16 3.58 -16.60
C VAL C 109 15.91 4.67 -17.33
N LEU C 110 17.02 4.31 -17.97
CA LEU C 110 17.88 5.30 -18.61
C LEU C 110 17.63 5.43 -20.11
N GLY C 111 16.93 4.49 -20.73
CA GLY C 111 16.70 4.61 -22.15
C GLY C 111 15.46 5.43 -22.46
N GLN C 112 15.67 6.73 -22.68
CA GLN C 112 14.60 7.68 -22.91
C GLN C 112 15.17 8.82 -23.74
N PRO C 113 14.33 9.57 -24.45
CA PRO C 113 14.82 10.81 -25.05
C PRO C 113 14.95 11.90 -24.00
N LYS C 114 16.00 12.70 -24.13
CA LYS C 114 16.39 13.63 -23.09
C LYS C 114 16.43 15.05 -23.63
N ALA C 115 15.95 16.00 -22.83
CA ALA C 115 15.89 17.41 -23.20
C ALA C 115 16.33 18.26 -22.02
N ALA C 116 16.44 19.57 -22.26
CA ALA C 116 16.86 20.55 -21.26
C ALA C 116 15.66 21.33 -20.74
N PRO C 117 15.70 21.76 -19.48
CA PRO C 117 14.54 22.45 -18.90
C PRO C 117 14.25 23.78 -19.57
N SER C 118 12.97 24.15 -19.56
CA SER C 118 12.51 25.43 -20.09
C SER C 118 12.04 26.30 -18.93
N VAL C 119 12.56 27.52 -18.85
CA VAL C 119 12.37 28.38 -17.70
C VAL C 119 11.72 29.68 -18.15
N THR C 120 10.65 30.07 -17.44
CA THR C 120 10.00 31.37 -17.64
C THR C 120 9.71 31.99 -16.28
N LEU C 121 10.14 33.23 -16.10
CA LEU C 121 9.93 33.98 -14.87
C LEU C 121 9.11 35.22 -15.18
N PHE C 122 8.04 35.42 -14.42
CA PHE C 122 7.12 36.53 -14.66
C PHE C 122 7.00 37.38 -13.41
N PRO C 123 7.43 38.65 -13.43
CA PRO C 123 7.28 39.50 -12.25
C PRO C 123 5.82 39.85 -12.01
N PRO C 124 5.46 40.18 -10.77
CA PRO C 124 4.05 40.50 -10.48
C PRO C 124 3.57 41.72 -11.23
N SER C 125 2.29 41.70 -11.60
CA SER C 125 1.67 42.82 -12.30
C SER C 125 1.31 43.93 -11.30
N SER C 126 1.01 45.11 -11.83
CA SER C 126 0.73 46.26 -10.97
C SER C 126 -0.57 46.06 -10.19
N GLU C 127 -1.56 45.40 -10.80
CA GLU C 127 -2.83 45.18 -10.13
C GLU C 127 -2.66 44.39 -8.84
N GLU C 128 -1.75 43.42 -8.83
CA GLU C 128 -1.45 42.71 -7.60
C GLU C 128 -0.55 43.54 -6.69
N LEU C 129 0.23 44.47 -7.26
CA LEU C 129 1.08 45.33 -6.46
C LEU C 129 0.24 46.27 -5.59
N GLN C 130 -0.86 46.79 -6.13
CA GLN C 130 -1.74 47.65 -5.34
C GLN C 130 -2.41 46.91 -4.19
N ALA C 131 -2.39 45.58 -4.19
CA ALA C 131 -3.00 44.79 -3.14
C ALA C 131 -2.11 44.63 -1.91
N ASN C 132 -1.01 45.39 -1.83
CA ASN C 132 -0.07 45.32 -0.70
C ASN C 132 0.47 43.91 -0.53
N LYS C 133 0.74 43.24 -1.65
CA LYS C 133 1.27 41.89 -1.63
C LYS C 133 2.12 41.69 -2.88
N ALA C 134 3.10 40.79 -2.78
CA ALA C 134 4.02 40.54 -3.89
C ALA C 134 4.44 39.08 -3.87
N THR C 135 4.44 38.46 -5.05
CA THR C 135 4.81 37.05 -5.16
C THR C 135 5.26 36.78 -6.58
N LEU C 136 6.46 36.25 -6.74
CA LEU C 136 7.04 35.97 -8.04
C LEU C 136 6.96 34.48 -8.35
N VAL C 137 6.75 34.15 -9.62
CA VAL C 137 6.70 32.77 -10.09
C VAL C 137 7.74 32.58 -11.19
N CYS C 138 8.61 31.59 -11.00
CA CYS C 138 9.64 31.23 -11.98
C CYS C 138 9.40 29.76 -12.34
N LEU C 139 8.75 29.53 -13.47
CA LEU C 139 8.28 28.20 -13.84
C LEU C 139 9.36 27.45 -14.62
N ILE C 140 9.43 26.13 -14.41
CA ILE C 140 10.38 25.27 -15.10
C ILE C 140 9.60 24.10 -15.68
N SER C 141 9.84 23.81 -16.96
CA SER C 141 9.10 22.75 -17.64
C SER C 141 10.00 22.09 -18.66
N ASP C 142 9.52 20.95 -19.17
CA ASP C 142 10.16 20.24 -20.28
C ASP C 142 11.58 19.79 -19.92
N PHE C 143 11.69 19.01 -18.85
CA PHE C 143 12.99 18.51 -18.42
C PHE C 143 12.85 17.06 -17.96
N TYR C 144 13.97 16.35 -18.00
CA TYR C 144 14.06 14.98 -17.53
C TYR C 144 15.53 14.69 -17.25
N PRO C 145 15.86 14.20 -16.03
CA PRO C 145 14.91 13.94 -14.95
C PRO C 145 14.56 15.20 -14.17
N GLY C 146 13.77 15.03 -13.12
CA GLY C 146 13.33 16.12 -12.27
C GLY C 146 14.20 16.42 -11.08
N ALA C 147 15.38 15.79 -10.98
CA ALA C 147 16.28 15.99 -9.85
C ALA C 147 16.94 17.36 -10.01
N VAL C 148 16.16 18.41 -9.73
CA VAL C 148 16.63 19.79 -9.83
C VAL C 148 16.34 20.49 -8.52
N THR C 149 17.30 21.28 -8.04
CA THR C 149 17.14 22.10 -6.85
C THR C 149 17.14 23.56 -7.28
N VAL C 150 16.13 24.31 -6.88
CA VAL C 150 15.96 25.70 -7.28
C VAL C 150 16.38 26.60 -6.12
N ALA C 151 17.18 27.61 -6.43
CA ALA C 151 17.57 28.62 -5.45
C ALA C 151 17.34 29.99 -6.05
N TRP C 152 16.76 30.88 -5.25
CA TRP C 152 16.37 32.20 -5.70
C TRP C 152 17.13 33.27 -4.92
N LYS C 153 17.53 34.34 -5.62
CA LYS C 153 18.35 35.39 -5.04
C LYS C 153 17.77 36.74 -5.37
N ALA C 154 17.71 37.62 -4.37
CA ALA C 154 17.43 39.04 -4.58
C ALA C 154 18.75 39.74 -4.83
N ASP C 155 18.84 40.47 -5.94
CA ASP C 155 20.10 41.05 -6.40
C ASP C 155 21.15 39.96 -6.61
N SER C 156 22.00 39.72 -5.61
CA SER C 156 23.07 38.73 -5.74
C SER C 156 23.21 37.84 -4.50
N SER C 157 22.27 37.89 -3.57
CA SER C 157 22.34 37.06 -2.37
C SER C 157 21.15 36.11 -2.32
N PRO C 158 21.36 34.80 -2.45
CA PRO C 158 20.23 33.86 -2.34
C PRO C 158 19.59 33.93 -0.96
N VAL C 159 18.27 33.78 -0.95
CA VAL C 159 17.47 33.84 0.28
C VAL C 159 16.71 32.53 0.41
N LYS C 160 16.82 31.90 1.58
CA LYS C 160 16.17 30.62 1.84
C LYS C 160 14.78 30.76 2.44
N ALA C 161 14.59 31.74 3.32
CA ALA C 161 13.29 31.96 3.93
C ALA C 161 12.31 32.55 2.92
N GLY C 162 11.04 32.18 3.07
CA GLY C 162 10.02 32.66 2.16
C GLY C 162 10.01 32.01 0.80
N VAL C 163 10.61 30.83 0.66
CA VAL C 163 10.70 30.15 -0.63
C VAL C 163 10.01 28.80 -0.52
N GLU C 164 9.13 28.53 -1.48
CA GLU C 164 8.43 27.26 -1.57
C GLU C 164 8.71 26.64 -2.93
N THR C 165 8.89 25.31 -2.94
CA THR C 165 9.25 24.60 -4.15
C THR C 165 8.16 23.59 -4.49
N THR C 166 8.07 23.26 -5.78
CA THR C 166 7.09 22.32 -6.29
C THR C 166 7.80 21.12 -6.89
N THR C 167 7.32 19.92 -6.53
CA THR C 167 7.89 18.70 -7.09
C THR C 167 7.48 18.56 -8.56
N PRO C 168 8.41 18.24 -9.45
CA PRO C 168 8.05 18.13 -10.88
C PRO C 168 7.03 17.02 -11.12
N SER C 169 6.19 17.24 -12.13
CA SER C 169 5.17 16.28 -12.52
C SER C 169 5.29 15.99 -14.02
N LYS C 170 4.87 14.79 -14.40
CA LYS C 170 4.98 14.36 -15.79
C LYS C 170 4.11 15.21 -16.70
N GLN C 171 4.62 15.46 -17.90
CA GLN C 171 3.89 16.19 -18.92
C GLN C 171 3.22 15.20 -19.87
N SER C 172 2.50 15.75 -20.86
CA SER C 172 1.79 14.90 -21.81
C SER C 172 2.76 14.07 -22.65
N ASN C 173 3.88 14.67 -23.04
CA ASN C 173 4.87 14.01 -23.90
C ASN C 173 6.05 13.46 -23.11
N ASN C 174 5.80 12.95 -21.91
CA ASN C 174 6.79 12.21 -21.11
C ASN C 174 8.01 13.07 -20.78
N LYS C 175 7.75 14.14 -20.04
CA LYS C 175 8.81 14.94 -19.44
C LYS C 175 8.20 15.68 -18.25
N TYR C 176 9.04 16.43 -17.54
CA TYR C 176 8.67 16.94 -16.23
C TYR C 176 8.52 18.45 -16.26
N ALA C 177 7.69 18.95 -15.34
CA ALA C 177 7.44 20.38 -15.20
C ALA C 177 7.20 20.70 -13.74
N ALA C 178 7.70 21.85 -13.30
CA ALA C 178 7.58 22.28 -11.91
C ALA C 178 7.58 23.80 -11.85
N SER C 179 7.63 24.32 -10.63
CA SER C 179 7.68 25.76 -10.39
C SER C 179 8.10 26.00 -8.94
N SER C 180 7.99 27.25 -8.51
CA SER C 180 8.28 27.61 -7.13
C SER C 180 7.66 28.97 -6.85
N TYR C 181 7.51 29.28 -5.56
CA TYR C 181 6.84 30.49 -5.12
C TYR C 181 7.67 31.23 -4.08
N LEU C 182 7.57 32.55 -4.09
CA LEU C 182 8.21 33.41 -3.08
C LEU C 182 7.32 34.60 -2.83
N SER C 183 6.84 34.74 -1.59
CA SER C 183 5.92 35.82 -1.21
C SER C 183 6.61 36.74 -0.21
N LEU C 184 7.07 37.89 -0.70
CA LEU C 184 7.63 38.92 0.17
C LEU C 184 6.90 40.25 -0.06
N THR C 185 7.36 41.30 0.61
CA THR C 185 6.62 42.54 0.48
C THR C 185 7.07 43.32 -0.75
N PRO C 186 6.13 44.02 -1.40
CA PRO C 186 6.52 44.90 -2.52
C PRO C 186 7.48 45.99 -2.11
N GLU C 187 7.41 46.45 -0.87
CA GLU C 187 8.42 47.37 -0.35
C GLU C 187 9.80 46.73 -0.41
N GLN C 188 9.90 45.47 0.00
CA GLN C 188 11.15 44.73 -0.14
C GLN C 188 11.47 44.47 -1.60
N TRP C 189 10.44 44.25 -2.43
CA TRP C 189 10.64 43.93 -3.83
C TRP C 189 11.29 45.11 -4.56
N LYS C 190 10.85 46.33 -4.27
CA LYS C 190 11.35 47.50 -4.97
C LYS C 190 12.68 48.02 -4.41
N SER C 191 13.21 47.40 -3.36
CA SER C 191 14.45 47.84 -2.75
C SER C 191 15.68 47.22 -3.39
N HIS C 192 15.51 46.38 -4.41
CA HIS C 192 16.61 45.70 -5.07
C HIS C 192 16.64 46.05 -6.55
N ARG C 193 17.84 46.27 -7.08
CA ARG C 193 17.98 46.70 -8.47
C ARG C 193 17.55 45.61 -9.44
N SER C 194 17.71 44.34 -9.05
CA SER C 194 17.41 43.24 -9.96
C SER C 194 17.07 42.00 -9.14
N TYR C 195 16.48 41.01 -9.83
CA TYR C 195 16.14 39.74 -9.22
C TYR C 195 16.49 38.61 -10.18
N SER C 196 17.05 37.53 -9.63
CA SER C 196 17.56 36.43 -10.45
C SER C 196 16.96 35.11 -9.99
N CYS C 197 16.66 34.25 -10.96
CA CYS C 197 16.14 32.91 -10.72
C CYS C 197 17.06 31.92 -11.43
N GLN C 198 17.55 30.92 -10.68
CA GLN C 198 18.49 29.95 -11.21
C GLN C 198 17.99 28.55 -10.94
N VAL C 199 18.21 27.66 -11.91
CA VAL C 199 17.88 26.25 -11.78
C VAL C 199 19.05 25.46 -12.33
N THR C 200 19.39 24.35 -11.66
CA THR C 200 20.44 23.46 -12.12
C THR C 200 19.82 22.12 -12.48
N HIS C 201 20.24 21.56 -13.61
CA HIS C 201 19.74 20.27 -14.07
C HIS C 201 20.94 19.41 -14.41
N GLU C 202 21.07 18.26 -13.74
CA GLU C 202 22.24 17.37 -13.79
C GLU C 202 23.54 18.17 -13.79
N GLY C 203 23.57 19.26 -13.03
CA GLY C 203 24.73 20.14 -12.97
C GLY C 203 24.79 21.20 -14.05
N SER C 204 23.78 21.31 -14.90
CA SER C 204 23.75 22.35 -15.92
C SER C 204 22.99 23.56 -15.40
N THR C 205 23.63 24.72 -15.45
CA THR C 205 23.11 25.96 -14.87
C THR C 205 22.29 26.71 -15.91
N VAL C 206 21.07 27.07 -15.55
CA VAL C 206 20.23 27.96 -16.36
C VAL C 206 19.86 29.17 -15.50
N GLU C 207 19.90 30.34 -16.11
CA GLU C 207 19.74 31.60 -15.40
C GLU C 207 18.66 32.44 -16.06
N LYS C 208 17.87 33.14 -15.24
CA LYS C 208 16.88 34.09 -15.70
C LYS C 208 16.87 35.27 -14.75
N THR C 209 16.73 36.47 -15.30
CA THR C 209 16.82 37.70 -14.51
C THR C 209 15.64 38.61 -14.85
N VAL C 210 15.17 39.34 -13.84
CA VAL C 210 14.12 40.33 -14.00
C VAL C 210 14.55 41.62 -13.31
N ALA C 211 13.99 42.73 -13.79
CA ALA C 211 14.31 44.05 -13.28
C ALA C 211 13.04 44.76 -12.83
N PRO C 212 12.96 45.19 -11.57
CA PRO C 212 11.75 45.92 -11.12
C PRO C 212 11.49 47.19 -11.90
N THR C 213 12.54 47.93 -12.30
CA THR C 213 12.33 49.21 -12.97
C THR C 213 11.73 49.05 -14.36
N GLU C 214 11.87 47.89 -14.98
CA GLU C 214 11.25 47.68 -16.29
C GLU C 214 9.73 47.76 -16.19
N CYS C 215 9.15 47.14 -15.16
CA CYS C 215 7.71 47.20 -14.97
C CYS C 215 7.22 48.58 -14.54
N SER C 216 8.11 49.41 -14.00
CA SER C 216 7.73 50.74 -13.55
C SER C 216 7.49 51.68 -14.73
C1 NAG D . -11.76 -37.49 -4.19
C2 NAG D . -12.71 -38.53 -3.56
C3 NAG D . -12.73 -39.80 -4.42
C4 NAG D . -13.09 -39.45 -5.86
C5 NAG D . -12.16 -38.37 -6.40
C6 NAG D . -12.55 -37.90 -7.78
C7 NAG D . -13.22 -39.00 -1.21
C8 NAG D . -14.65 -38.81 -1.58
N2 NAG D . -12.33 -38.84 -2.20
O3 NAG D . -13.66 -40.73 -3.89
O4 NAG D . -13.00 -40.61 -6.67
O5 NAG D . -12.17 -37.22 -5.55
O6 NAG D . -13.71 -37.10 -7.75
O7 NAG D . -12.88 -39.28 -0.05
#